data_2MM2
#
_entry.id   2MM2
#
_cell.length_a   1.000
_cell.length_b   1.000
_cell.length_c   1.000
_cell.angle_alpha   90.00
_cell.angle_beta   90.00
_cell.angle_gamma   90.00
#
_symmetry.space_group_name_H-M   'P 1'
#
_entity_poly.entity_id   1
_entity_poly.type   'polypeptide(L)'
_entity_poly.pdbx_seq_one_letter_code
;NCTANILNINEVVIATGCVPAGGNLIIRVGSDHSYLIRATVSCGLSLNPSQSFINGESLASGGRC
;
_entity_poly.pdbx_strand_id   A
#
# COMPACT_ATOMS: atom_id res chain seq x y z
N ASN A 1 8.92 -7.00 -9.03
CA ASN A 1 8.58 -6.35 -7.77
C ASN A 1 7.08 -6.49 -7.48
N CYS A 2 6.68 -6.04 -6.29
CA CYS A 2 5.28 -6.12 -5.88
C CYS A 2 4.57 -4.79 -6.14
N THR A 3 3.26 -4.86 -6.30
CA THR A 3 2.46 -3.66 -6.55
C THR A 3 1.46 -3.42 -5.42
N ALA A 4 1.54 -2.24 -4.81
CA ALA A 4 0.64 -1.89 -3.72
C ALA A 4 -0.37 -0.82 -4.16
N ASN A 5 -1.64 -1.07 -3.87
CA ASN A 5 -2.71 -0.14 -4.24
C ASN A 5 -3.50 0.29 -3.01
N ILE A 6 -3.56 1.59 -2.77
CA ILE A 6 -4.30 2.13 -1.63
C ILE A 6 -5.65 2.68 -2.05
N LEU A 7 -6.70 2.24 -1.37
CA LEU A 7 -8.05 2.69 -1.67
C LEU A 7 -8.71 3.32 -0.44
N ASN A 8 -9.84 3.99 -0.66
CA ASN A 8 -10.57 4.63 0.42
C ASN A 8 -11.67 3.72 0.96
N ILE A 9 -12.50 4.26 1.85
CA ILE A 9 -13.59 3.50 2.44
C ILE A 9 -14.53 2.97 1.36
N ASN A 10 -14.53 3.64 0.20
CA ASN A 10 -15.38 3.23 -0.91
C ASN A 10 -14.67 2.21 -1.80
N GLU A 11 -13.52 1.74 -1.34
CA GLU A 11 -12.74 0.75 -2.09
C GLU A 11 -12.27 1.34 -3.42
N VAL A 12 -12.13 2.66 -3.45
CA VAL A 12 -11.69 3.35 -4.67
C VAL A 12 -10.19 3.63 -4.62
N VAL A 13 -9.47 3.14 -5.64
CA VAL A 13 -8.03 3.34 -5.71
C VAL A 13 -7.68 4.82 -5.77
N ILE A 14 -6.95 5.29 -4.76
CA ILE A 14 -6.55 6.69 -4.70
C ILE A 14 -5.03 6.82 -4.77
N ALA A 15 -4.33 5.74 -4.44
CA ALA A 15 -2.87 5.75 -4.48
C ALA A 15 -2.33 4.40 -4.94
N THR A 16 -1.16 4.42 -5.58
CA THR A 16 -0.54 3.19 -6.07
C THR A 16 0.98 3.31 -6.07
N GLY A 17 1.64 2.32 -5.47
CA GLY A 17 3.09 2.32 -5.41
C GLY A 17 3.68 0.97 -5.73
N CYS A 18 5.01 0.89 -5.67
CA CYS A 18 5.71 -0.36 -5.96
C CYS A 18 6.55 -0.80 -4.77
N VAL A 19 6.24 -1.98 -4.24
CA VAL A 19 6.96 -2.53 -3.10
C VAL A 19 7.97 -3.58 -3.54
N PRO A 20 9.25 -3.38 -3.19
CA PRO A 20 10.33 -4.30 -3.53
C PRO A 20 10.23 -5.62 -2.77
N ALA A 21 10.67 -6.70 -3.41
CA ALA A 21 10.63 -8.02 -2.79
C ALA A 21 11.50 -8.06 -1.54
N GLY A 22 10.91 -8.48 -0.43
CA GLY A 22 11.65 -8.56 0.82
C GLY A 22 11.98 -7.19 1.39
N GLY A 23 11.42 -6.15 0.78
CA GLY A 23 11.67 -4.80 1.25
C GLY A 23 10.39 -4.04 1.55
N ASN A 24 10.52 -2.74 1.79
CA ASN A 24 9.37 -1.90 2.09
C ASN A 24 9.47 -0.55 1.40
N LEU A 25 8.34 0.06 1.11
CA LEU A 25 8.30 1.35 0.44
C LEU A 25 7.12 2.19 0.94
N ILE A 26 7.30 3.50 0.95
CA ILE A 26 6.25 4.42 1.39
C ILE A 26 5.40 4.89 0.23
N ILE A 27 4.09 4.71 0.34
CA ILE A 27 3.17 5.13 -0.71
C ILE A 27 2.35 6.35 -0.28
N ARG A 28 2.46 7.42 -1.05
CA ARG A 28 1.74 8.65 -0.74
C ARG A 28 0.36 8.66 -1.40
N VAL A 29 -0.66 8.99 -0.61
CA VAL A 29 -2.03 9.02 -1.12
C VAL A 29 -2.49 10.45 -1.35
N GLY A 30 -3.49 10.62 -2.22
CA GLY A 30 -4.01 11.94 -2.51
C GLY A 30 -4.94 12.45 -1.43
N SER A 31 -5.08 11.68 -0.35
CA SER A 31 -5.95 12.06 0.75
C SER A 31 -5.17 12.83 1.82
N ASP A 32 -4.25 13.68 1.37
CA ASP A 32 -3.44 14.47 2.28
C ASP A 32 -2.80 13.59 3.35
N HIS A 33 -2.18 12.50 2.90
CA HIS A 33 -1.51 11.57 3.82
C HIS A 33 -0.68 10.57 3.05
N SER A 34 -0.09 9.61 3.78
CA SER A 34 0.74 8.58 3.17
C SER A 34 0.75 7.32 4.01
N TYR A 35 0.88 6.18 3.35
CA TYR A 35 0.91 4.89 4.05
C TYR A 35 2.12 4.07 3.64
N LEU A 36 2.81 3.52 4.63
CA LEU A 36 4.00 2.71 4.38
C LEU A 36 3.63 1.26 4.12
N ILE A 37 3.87 0.79 2.90
CA ILE A 37 3.57 -0.58 2.52
C ILE A 37 4.84 -1.39 2.30
N ARG A 38 4.82 -2.63 2.74
CA ARG A 38 5.98 -3.51 2.59
C ARG A 38 5.55 -4.90 2.09
N ALA A 39 6.48 -5.60 1.45
CA ALA A 39 6.19 -6.94 0.93
C ALA A 39 7.24 -7.93 1.40
N THR A 40 6.81 -9.18 1.61
CA THR A 40 7.71 -10.23 2.06
C THR A 40 8.51 -10.81 0.89
N VAL A 41 9.40 -11.75 1.21
CA VAL A 41 10.23 -12.37 0.18
C VAL A 41 9.37 -13.03 -0.88
N SER A 42 8.14 -13.40 -0.52
CA SER A 42 7.23 -14.04 -1.45
C SER A 42 6.20 -13.04 -1.98
N CYS A 43 6.48 -11.76 -1.79
CA CYS A 43 5.58 -10.71 -2.24
C CYS A 43 4.24 -10.79 -1.52
N GLY A 44 4.06 -9.96 -0.50
CA GLY A 44 2.82 -9.96 0.24
C GLY A 44 2.51 -8.61 0.85
N LEU A 45 1.48 -7.94 0.32
CA LEU A 45 1.09 -6.63 0.81
C LEU A 45 0.94 -6.63 2.33
N SER A 46 1.37 -5.55 2.97
CA SER A 46 1.27 -5.43 4.42
C SER A 46 1.51 -3.98 4.86
N LEU A 47 0.78 -3.57 5.88
CA LEU A 47 0.89 -2.21 6.40
C LEU A 47 1.84 -2.16 7.60
N ASN A 48 2.69 -1.15 7.64
CA ASN A 48 3.64 -0.99 8.73
C ASN A 48 2.91 -0.83 10.07
N PRO A 49 3.55 -1.29 11.15
CA PRO A 49 2.98 -1.21 12.50
C PRO A 49 2.94 0.22 13.02
N SER A 50 3.96 1.00 12.70
CA SER A 50 4.05 2.39 13.14
C SER A 50 2.87 3.20 12.60
N GLN A 51 2.23 2.67 11.55
CA GLN A 51 1.09 3.34 10.95
C GLN A 51 -0.15 2.46 10.99
N SER A 52 -1.31 3.07 10.76
CA SER A 52 -2.58 2.33 10.78
C SER A 52 -3.58 2.95 9.81
N PHE A 53 -4.36 2.10 9.15
CA PHE A 53 -5.36 2.56 8.19
C PHE A 53 -6.36 3.50 8.86
N ILE A 54 -6.66 4.60 8.18
CA ILE A 54 -7.60 5.59 8.71
C ILE A 54 -8.54 6.10 7.61
N ASN A 55 -9.59 6.80 8.02
CA ASN A 55 -10.55 7.35 7.07
C ASN A 55 -11.22 6.24 6.26
N GLY A 56 -11.17 5.02 6.79
CA GLY A 56 -11.76 3.89 6.10
C GLY A 56 -10.88 3.35 4.99
N GLU A 57 -9.68 3.91 4.85
CA GLU A 57 -8.75 3.49 3.82
C GLU A 57 -8.54 1.97 3.87
N SER A 58 -7.84 1.45 2.88
CA SER A 58 -7.57 0.02 2.80
C SER A 58 -6.45 -0.27 1.81
N LEU A 59 -5.97 -1.51 1.81
CA LEU A 59 -4.91 -1.92 0.91
C LEU A 59 -5.40 -2.96 -0.09
N ALA A 60 -4.78 -2.99 -1.27
CA ALA A 60 -5.16 -3.94 -2.30
C ALA A 60 -3.98 -4.24 -3.23
N SER A 61 -4.03 -5.40 -3.88
CA SER A 61 -2.97 -5.81 -4.79
C SER A 61 -3.20 -5.24 -6.18
N GLY A 62 -2.13 -5.18 -6.97
CA GLY A 62 -2.22 -4.66 -8.32
C GLY A 62 -2.03 -5.72 -9.38
N GLY A 63 -0.82 -5.78 -9.94
CA GLY A 63 -0.53 -6.76 -10.96
C GLY A 63 0.96 -7.02 -11.12
N ARG A 64 1.62 -6.19 -11.93
CA ARG A 64 3.05 -6.32 -12.16
C ARG A 64 3.75 -4.97 -12.04
N CYS A 65 5.04 -5.01 -11.73
CA CYS A 65 5.82 -3.79 -11.57
C CYS A 65 7.30 -4.05 -11.89
N ASN A 1 9.82 -7.55 -7.86
CA ASN A 1 9.08 -6.54 -7.12
C ASN A 1 7.59 -6.59 -7.48
N CYS A 2 6.74 -6.21 -6.53
CA CYS A 2 5.31 -6.21 -6.74
C CYS A 2 4.74 -4.79 -6.68
N THR A 3 3.45 -4.66 -6.93
CA THR A 3 2.79 -3.36 -6.92
C THR A 3 1.73 -3.29 -5.82
N ALA A 4 1.65 -2.14 -5.15
CA ALA A 4 0.68 -1.96 -4.09
C ALA A 4 -0.37 -0.93 -4.48
N ASN A 5 -1.63 -1.23 -4.19
CA ASN A 5 -2.74 -0.34 -4.51
C ASN A 5 -3.51 0.06 -3.27
N ILE A 6 -3.55 1.35 -2.97
CA ILE A 6 -4.26 1.85 -1.80
C ILE A 6 -5.60 2.44 -2.19
N LEU A 7 -6.66 1.99 -1.52
CA LEU A 7 -8.01 2.48 -1.79
C LEU A 7 -8.59 3.19 -0.58
N ASN A 8 -9.71 3.87 -0.77
CA ASN A 8 -10.37 4.59 0.32
C ASN A 8 -11.51 3.77 0.91
N ILE A 9 -12.28 4.38 1.80
CA ILE A 9 -13.39 3.71 2.44
C ILE A 9 -14.40 3.21 1.40
N ASN A 10 -14.34 3.78 0.21
CA ASN A 10 -15.24 3.39 -0.87
C ASN A 10 -14.61 2.32 -1.76
N GLU A 11 -13.51 1.75 -1.28
CA GLU A 11 -12.81 0.70 -2.03
C GLU A 11 -12.33 1.24 -3.37
N VAL A 12 -12.09 2.54 -3.45
CA VAL A 12 -11.63 3.18 -4.67
C VAL A 12 -10.14 3.48 -4.62
N VAL A 13 -9.39 2.96 -5.59
CA VAL A 13 -7.96 3.17 -5.64
C VAL A 13 -7.62 4.66 -5.71
N ILE A 14 -6.91 5.15 -4.71
CA ILE A 14 -6.52 6.54 -4.65
C ILE A 14 -5.00 6.70 -4.75
N ALA A 15 -4.29 5.64 -4.39
CA ALA A 15 -2.83 5.66 -4.43
C ALA A 15 -2.28 4.34 -4.95
N THR A 16 -1.12 4.40 -5.60
CA THR A 16 -0.48 3.20 -6.15
C THR A 16 1.03 3.34 -6.17
N GLY A 17 1.72 2.39 -5.55
CA GLY A 17 3.18 2.44 -5.52
C GLY A 17 3.80 1.09 -5.88
N CYS A 18 5.12 1.00 -5.69
CA CYS A 18 5.84 -0.23 -6.00
C CYS A 18 6.45 -0.83 -4.74
N VAL A 19 6.03 -2.05 -4.40
CA VAL A 19 6.54 -2.73 -3.22
C VAL A 19 7.39 -3.93 -3.59
N PRO A 20 8.72 -3.77 -3.49
CA PRO A 20 9.67 -4.83 -3.83
C PRO A 20 9.64 -5.98 -2.82
N ALA A 21 9.70 -7.21 -3.33
CA ALA A 21 9.69 -8.39 -2.48
C ALA A 21 10.78 -8.32 -1.42
N GLY A 22 10.39 -8.45 -0.16
CA GLY A 22 11.36 -8.40 0.92
C GLY A 22 11.74 -6.99 1.29
N GLY A 23 11.21 -6.01 0.55
CA GLY A 23 11.52 -4.63 0.82
C GLY A 23 10.30 -3.83 1.25
N ASN A 24 10.48 -2.53 1.45
CA ASN A 24 9.39 -1.66 1.87
C ASN A 24 9.48 -0.30 1.19
N LEU A 25 8.33 0.32 0.94
CA LEU A 25 8.29 1.63 0.31
C LEU A 25 7.10 2.44 0.81
N ILE A 26 7.26 3.76 0.82
CA ILE A 26 6.20 4.64 1.28
C ILE A 26 5.37 5.16 0.11
N ILE A 27 4.05 4.96 0.18
CA ILE A 27 3.15 5.39 -0.87
C ILE A 27 2.35 6.62 -0.43
N ARG A 28 2.61 7.76 -1.08
CA ARG A 28 1.93 9.00 -0.76
C ARG A 28 0.53 9.03 -1.38
N VAL A 29 -0.49 8.94 -0.53
CA VAL A 29 -1.88 8.95 -0.99
C VAL A 29 -2.46 10.36 -0.95
N GLY A 30 -3.45 10.61 -1.78
CA GLY A 30 -4.08 11.91 -1.82
C GLY A 30 -4.67 12.31 -0.49
N SER A 31 -5.38 13.44 -0.47
CA SER A 31 -5.99 13.93 0.77
C SER A 31 -4.93 14.25 1.82
N ASP A 32 -3.68 14.38 1.36
CA ASP A 32 -2.58 14.68 2.26
C ASP A 32 -2.35 13.54 3.26
N HIS A 33 -1.93 12.39 2.73
CA HIS A 33 -1.68 11.23 3.56
C HIS A 33 -0.63 10.32 2.93
N SER A 34 -0.09 9.39 3.72
CA SER A 34 0.92 8.46 3.23
C SER A 34 0.91 7.18 4.04
N TYR A 35 1.10 6.06 3.36
CA TYR A 35 1.12 4.75 4.00
C TYR A 35 2.31 3.92 3.56
N LEU A 36 3.05 3.38 4.52
CA LEU A 36 4.22 2.57 4.23
C LEU A 36 3.83 1.13 3.95
N ILE A 37 3.98 0.71 2.69
CA ILE A 37 3.66 -0.65 2.29
C ILE A 37 4.91 -1.46 1.98
N ARG A 38 4.98 -2.66 2.53
CA ARG A 38 6.13 -3.53 2.31
C ARG A 38 5.68 -4.94 1.92
N ALA A 39 6.58 -5.68 1.27
CA ALA A 39 6.27 -7.04 0.85
C ALA A 39 7.33 -8.02 1.34
N THR A 40 6.98 -9.30 1.39
CA THR A 40 7.90 -10.34 1.84
C THR A 40 8.54 -11.05 0.66
N VAL A 41 9.29 -12.11 0.95
CA VAL A 41 9.96 -12.88 -0.09
C VAL A 41 8.94 -13.54 -1.03
N SER A 42 7.72 -13.71 -0.54
CA SER A 42 6.66 -14.33 -1.33
C SER A 42 5.69 -13.28 -1.85
N CYS A 43 6.16 -12.02 -1.90
CA CYS A 43 5.33 -10.92 -2.38
C CYS A 43 3.99 -10.89 -1.65
N GLY A 44 3.95 -10.16 -0.54
CA GLY A 44 2.73 -10.06 0.23
C GLY A 44 2.54 -8.68 0.82
N LEU A 45 1.53 -7.96 0.33
CA LEU A 45 1.24 -6.62 0.82
C LEU A 45 1.10 -6.60 2.34
N SER A 46 1.56 -5.51 2.95
CA SER A 46 1.50 -5.38 4.41
C SER A 46 1.75 -3.93 4.82
N LEU A 47 1.04 -3.48 5.85
CA LEU A 47 1.19 -2.12 6.35
C LEU A 47 2.11 -2.09 7.57
N ASN A 48 2.98 -1.09 7.62
CA ASN A 48 3.91 -0.95 8.73
C ASN A 48 3.16 -0.78 10.05
N PRO A 49 3.78 -1.24 11.15
CA PRO A 49 3.19 -1.15 12.48
C PRO A 49 3.14 0.30 13.00
N SER A 50 4.17 1.07 12.67
CA SER A 50 4.24 2.45 13.11
C SER A 50 3.06 3.26 12.56
N GLN A 51 2.42 2.73 11.53
CA GLN A 51 1.27 3.39 10.92
C GLN A 51 0.03 2.51 10.97
N SER A 52 -1.13 3.11 10.72
CA SER A 52 -2.39 2.38 10.75
C SER A 52 -3.39 2.97 9.76
N PHE A 53 -4.17 2.11 9.14
CA PHE A 53 -5.17 2.54 8.15
C PHE A 53 -6.16 3.51 8.80
N ILE A 54 -6.56 4.53 8.04
CA ILE A 54 -7.50 5.52 8.53
C ILE A 54 -8.42 6.00 7.41
N ASN A 55 -9.47 6.72 7.79
CA ASN A 55 -10.44 7.24 6.82
C ASN A 55 -11.10 6.10 6.04
N GLY A 56 -11.02 4.89 6.60
CA GLY A 56 -11.62 3.74 5.95
C GLY A 56 -10.74 3.19 4.84
N GLU A 57 -9.56 3.77 4.68
CA GLU A 57 -8.64 3.34 3.64
C GLU A 57 -8.39 1.84 3.72
N SER A 58 -7.72 1.29 2.72
CA SER A 58 -7.43 -0.14 2.68
C SER A 58 -6.31 -0.44 1.68
N LEU A 59 -5.82 -1.67 1.71
CA LEU A 59 -4.75 -2.08 0.80
C LEU A 59 -5.25 -3.15 -0.18
N ALA A 60 -4.65 -3.18 -1.35
CA ALA A 60 -5.03 -4.15 -2.39
C ALA A 60 -3.86 -4.44 -3.31
N SER A 61 -3.85 -5.64 -3.90
CA SER A 61 -2.79 -6.05 -4.80
C SER A 61 -2.96 -5.40 -6.17
N GLY A 62 -1.86 -4.91 -6.73
CA GLY A 62 -1.91 -4.26 -8.04
C GLY A 62 -1.67 -5.24 -9.17
N GLY A 63 -0.60 -5.00 -9.92
CA GLY A 63 -0.28 -5.88 -11.04
C GLY A 63 1.10 -6.48 -10.92
N ARG A 64 2.10 -5.80 -11.47
CA ARG A 64 3.47 -6.27 -11.43
C ARG A 64 4.46 -5.11 -11.30
N CYS A 65 5.65 -5.40 -10.82
CA CYS A 65 6.68 -4.38 -10.65
C CYS A 65 8.07 -5.01 -10.62
N ASN A 1 9.45 -7.50 -7.90
CA ASN A 1 8.77 -6.34 -7.36
C ASN A 1 7.28 -6.40 -7.64
N CYS A 2 6.48 -5.93 -6.68
CA CYS A 2 5.02 -5.94 -6.84
C CYS A 2 4.47 -4.52 -6.80
N THR A 3 3.17 -4.39 -7.05
CA THR A 3 2.52 -3.09 -7.04
C THR A 3 1.57 -2.95 -5.85
N ALA A 4 1.55 -1.76 -5.26
CA ALA A 4 0.68 -1.50 -4.12
C ALA A 4 -0.47 -0.58 -4.49
N ASN A 5 -1.69 -0.97 -4.10
CA ASN A 5 -2.87 -0.18 -4.41
C ASN A 5 -3.60 0.22 -3.12
N ILE A 6 -3.77 1.52 -2.93
CA ILE A 6 -4.46 2.03 -1.75
C ILE A 6 -5.85 2.55 -2.10
N LEU A 7 -6.85 2.04 -1.40
CA LEU A 7 -8.24 2.45 -1.63
C LEU A 7 -8.80 3.18 -0.41
N ASN A 8 -9.97 3.78 -0.58
CA ASN A 8 -10.62 4.51 0.50
C ASN A 8 -11.70 3.66 1.16
N ILE A 9 -12.45 4.27 2.07
CA ILE A 9 -13.52 3.58 2.77
C ILE A 9 -14.55 3.00 1.80
N ASN A 10 -14.55 3.52 0.58
CA ASN A 10 -15.47 3.05 -0.45
C ASN A 10 -14.83 1.98 -1.32
N GLU A 11 -13.68 1.47 -0.87
CA GLU A 11 -12.96 0.43 -1.61
C GLU A 11 -12.57 0.94 -2.99
N VAL A 12 -12.38 2.25 -3.11
CA VAL A 12 -12.00 2.84 -4.39
C VAL A 12 -10.52 3.23 -4.40
N VAL A 13 -9.79 2.69 -5.38
CA VAL A 13 -8.37 2.98 -5.50
C VAL A 13 -8.11 4.46 -5.67
N ILE A 14 -7.38 5.04 -4.71
CA ILE A 14 -7.06 6.47 -4.75
C ILE A 14 -5.56 6.69 -4.92
N ALA A 15 -4.78 5.69 -4.53
CA ALA A 15 -3.32 5.77 -4.63
C ALA A 15 -2.73 4.45 -5.10
N THR A 16 -1.59 4.54 -5.78
CA THR A 16 -0.92 3.34 -6.29
C THR A 16 0.60 3.53 -6.33
N GLY A 17 1.32 2.61 -5.71
CA GLY A 17 2.77 2.70 -5.68
C GLY A 17 3.43 1.40 -6.09
N CYS A 18 4.72 1.28 -5.80
CA CYS A 18 5.48 0.09 -6.15
C CYS A 18 6.19 -0.49 -4.91
N VAL A 19 5.83 -1.72 -4.56
CA VAL A 19 6.43 -2.39 -3.41
C VAL A 19 7.27 -3.58 -3.84
N PRO A 20 8.60 -3.46 -3.66
CA PRO A 20 9.54 -4.52 -4.02
C PRO A 20 9.42 -5.74 -3.11
N ALA A 21 9.58 -6.93 -3.68
CA ALA A 21 9.50 -8.17 -2.92
C ALA A 21 10.49 -8.16 -1.76
N GLY A 22 9.97 -8.37 -0.55
CA GLY A 22 10.83 -8.39 0.62
C GLY A 22 11.25 -7.00 1.06
N GLY A 23 10.75 -5.99 0.36
CA GLY A 23 11.09 -4.62 0.69
C GLY A 23 9.88 -3.81 1.08
N ASN A 24 10.09 -2.52 1.35
CA ASN A 24 9.00 -1.63 1.73
C ASN A 24 9.11 -0.28 1.02
N LEU A 25 7.98 0.35 0.77
CA LEU A 25 7.95 1.64 0.10
C LEU A 25 6.80 2.50 0.61
N ILE A 26 7.00 3.81 0.59
CA ILE A 26 5.97 4.74 1.06
C ILE A 26 5.13 5.26 -0.11
N ILE A 27 3.81 5.20 0.05
CA ILE A 27 2.89 5.66 -0.97
C ILE A 27 2.09 6.87 -0.51
N ARG A 28 2.32 8.01 -1.16
CA ARG A 28 1.63 9.24 -0.80
C ARG A 28 0.27 9.32 -1.50
N VAL A 29 -0.80 9.20 -0.72
CA VAL A 29 -2.15 9.26 -1.26
C VAL A 29 -2.67 10.70 -1.29
N GLY A 30 -2.55 11.34 -2.45
CA GLY A 30 -3.02 12.71 -2.58
C GLY A 30 -2.49 13.61 -1.49
N SER A 31 -3.23 14.68 -1.19
CA SER A 31 -2.82 15.63 -0.17
C SER A 31 -3.44 15.28 1.18
N ASP A 32 -3.90 14.03 1.30
CA ASP A 32 -4.53 13.57 2.54
C ASP A 32 -3.47 13.02 3.51
N HIS A 33 -2.68 12.08 3.03
CA HIS A 33 -1.63 11.47 3.85
C HIS A 33 -0.84 10.45 3.04
N SER A 34 0.00 9.69 3.73
CA SER A 34 0.83 8.67 3.09
C SER A 34 0.86 7.39 3.90
N TYR A 35 0.82 6.25 3.21
CA TYR A 35 0.83 4.95 3.87
C TYR A 35 2.02 4.12 3.40
N LEU A 36 2.77 3.58 4.36
CA LEU A 36 3.93 2.76 4.05
C LEU A 36 3.53 1.32 3.78
N ILE A 37 3.66 0.90 2.53
CA ILE A 37 3.31 -0.45 2.13
C ILE A 37 4.56 -1.29 1.85
N ARG A 38 4.58 -2.51 2.37
CA ARG A 38 5.72 -3.40 2.18
C ARG A 38 5.25 -4.81 1.81
N ALA A 39 6.08 -5.52 1.07
CA ALA A 39 5.75 -6.88 0.65
C ALA A 39 6.85 -7.87 1.06
N THR A 40 6.46 -9.13 1.25
CA THR A 40 7.40 -10.16 1.64
C THR A 40 8.06 -10.81 0.43
N VAL A 41 8.92 -11.79 0.67
CA VAL A 41 9.61 -12.49 -0.41
C VAL A 41 8.61 -13.12 -1.37
N SER A 42 7.42 -13.40 -0.88
CA SER A 42 6.37 -14.01 -1.70
C SER A 42 5.36 -12.96 -2.15
N CYS A 43 5.75 -11.69 -2.08
CA CYS A 43 4.88 -10.59 -2.48
C CYS A 43 3.55 -10.66 -1.73
N GLY A 44 3.47 -9.96 -0.60
CA GLY A 44 2.25 -9.95 0.19
C GLY A 44 1.95 -8.58 0.76
N LEU A 45 0.79 -8.03 0.39
CA LEU A 45 0.38 -6.72 0.88
C LEU A 45 0.46 -6.65 2.39
N SER A 46 1.24 -5.69 2.90
CA SER A 46 1.38 -5.52 4.34
C SER A 46 1.55 -4.05 4.69
N LEU A 47 1.05 -3.67 5.86
CA LEU A 47 1.14 -2.29 6.33
C LEU A 47 2.09 -2.16 7.52
N ASN A 48 2.89 -1.11 7.52
CA ASN A 48 3.84 -0.87 8.60
C ASN A 48 3.12 -0.76 9.94
N PRO A 49 3.80 -1.17 11.02
CA PRO A 49 3.25 -1.11 12.38
C PRO A 49 3.12 0.31 12.89
N SER A 50 4.14 1.12 12.65
CA SER A 50 4.14 2.51 13.09
C SER A 50 2.90 3.25 12.58
N GLN A 51 2.34 2.75 11.48
CA GLN A 51 1.16 3.35 10.88
C GLN A 51 -0.02 2.39 10.91
N SER A 52 -1.22 2.92 10.67
CA SER A 52 -2.43 2.11 10.67
C SER A 52 -3.46 2.66 9.70
N PHE A 53 -4.23 1.78 9.09
CA PHE A 53 -5.25 2.17 8.13
C PHE A 53 -6.27 3.10 8.79
N ILE A 54 -6.52 4.23 8.14
CA ILE A 54 -7.48 5.22 8.65
C ILE A 54 -8.39 5.72 7.55
N ASN A 55 -9.44 6.44 7.94
CA ASN A 55 -10.39 6.98 6.98
C ASN A 55 -11.06 5.87 6.19
N GLY A 56 -11.00 4.65 6.72
CA GLY A 56 -11.60 3.52 6.04
C GLY A 56 -10.74 2.98 4.91
N GLU A 57 -9.58 3.61 4.71
CA GLU A 57 -8.67 3.20 3.65
C GLU A 57 -8.41 1.69 3.71
N SER A 58 -7.79 1.17 2.66
CA SER A 58 -7.50 -0.26 2.58
C SER A 58 -6.31 -0.52 1.65
N LEU A 59 -5.81 -1.75 1.68
CA LEU A 59 -4.68 -2.13 0.84
C LEU A 59 -5.11 -3.16 -0.21
N ALA A 60 -4.43 -3.14 -1.35
CA ALA A 60 -4.73 -4.08 -2.43
C ALA A 60 -3.50 -4.32 -3.30
N SER A 61 -3.44 -5.51 -3.90
CA SER A 61 -2.31 -5.86 -4.76
C SER A 61 -2.62 -5.54 -6.21
N GLY A 62 -1.61 -5.05 -6.94
CA GLY A 62 -1.79 -4.71 -8.33
C GLY A 62 -1.21 -5.75 -9.27
N GLY A 63 -0.15 -6.41 -8.82
CA GLY A 63 0.48 -7.43 -9.62
C GLY A 63 2.00 -7.29 -9.64
N ARG A 64 2.57 -7.20 -10.84
CA ARG A 64 4.02 -7.07 -10.99
C ARG A 64 4.41 -5.61 -11.20
N CYS A 65 5.64 -5.26 -10.82
CA CYS A 65 6.13 -3.90 -10.97
C CYS A 65 7.44 -3.88 -11.76
N ASN A 1 9.69 -7.35 -7.89
CA ASN A 1 8.91 -6.34 -7.17
C ASN A 1 7.43 -6.46 -7.51
N CYS A 2 6.58 -5.96 -6.60
CA CYS A 2 5.14 -6.00 -6.79
C CYS A 2 4.54 -4.60 -6.77
N THR A 3 3.26 -4.50 -7.11
CA THR A 3 2.58 -3.22 -7.13
C THR A 3 1.57 -3.12 -5.99
N ALA A 4 1.55 -1.96 -5.34
CA ALA A 4 0.62 -1.73 -4.22
C ALA A 4 -0.48 -0.76 -4.62
N ASN A 5 -1.70 -1.01 -4.12
CA ASN A 5 -2.83 -0.15 -4.42
C ASN A 5 -3.57 0.24 -3.15
N ILE A 6 -3.79 1.53 -2.97
CA ILE A 6 -4.49 2.04 -1.79
C ILE A 6 -5.88 2.56 -2.15
N LEU A 7 -6.89 2.08 -1.45
CA LEU A 7 -8.26 2.50 -1.69
C LEU A 7 -8.83 3.24 -0.48
N ASN A 8 -10.01 3.83 -0.66
CA ASN A 8 -10.66 4.57 0.41
C ASN A 8 -11.76 3.74 1.06
N ILE A 9 -12.53 4.36 1.95
CA ILE A 9 -13.61 3.67 2.64
C ILE A 9 -14.61 3.08 1.64
N ASN A 10 -14.60 3.62 0.42
CA ASN A 10 -15.50 3.13 -0.62
C ASN A 10 -14.83 2.07 -1.48
N GLU A 11 -13.71 1.55 -1.00
CA GLU A 11 -12.96 0.53 -1.72
C GLU A 11 -12.55 1.04 -3.11
N VAL A 12 -12.39 2.34 -3.22
CA VAL A 12 -11.99 2.96 -4.49
C VAL A 12 -10.51 3.31 -4.49
N VAL A 13 -9.79 2.80 -5.48
CA VAL A 13 -8.36 3.06 -5.59
C VAL A 13 -8.08 4.55 -5.71
N ILE A 14 -7.35 5.09 -4.75
CA ILE A 14 -7.02 6.51 -4.75
C ILE A 14 -5.51 6.72 -4.90
N ALA A 15 -4.74 5.70 -4.55
CA ALA A 15 -3.29 5.78 -4.65
C ALA A 15 -2.70 4.44 -5.14
N THR A 16 -1.55 4.52 -5.80
CA THR A 16 -0.89 3.32 -6.32
C THR A 16 0.62 3.50 -6.34
N GLY A 17 1.32 2.58 -5.70
CA GLY A 17 2.77 2.64 -5.66
C GLY A 17 3.42 1.32 -6.04
N CYS A 18 4.72 1.22 -5.78
CA CYS A 18 5.47 0.02 -6.11
C CYS A 18 6.18 -0.54 -4.88
N VAL A 19 5.83 -1.76 -4.49
CA VAL A 19 6.42 -2.39 -3.32
C VAL A 19 7.30 -3.58 -3.73
N PRO A 20 8.61 -3.45 -3.50
CA PRO A 20 9.58 -4.50 -3.84
C PRO A 20 9.44 -5.73 -2.95
N ALA A 21 9.77 -6.89 -3.50
CA ALA A 21 9.69 -8.15 -2.75
C ALA A 21 10.62 -8.13 -1.55
N GLY A 22 10.08 -8.41 -0.37
CA GLY A 22 10.88 -8.42 0.84
C GLY A 22 11.30 -7.03 1.28
N GLY A 23 10.77 -6.02 0.59
CA GLY A 23 11.11 -4.65 0.93
C GLY A 23 9.89 -3.83 1.30
N ASN A 24 10.10 -2.55 1.56
CA ASN A 24 9.01 -1.65 1.93
C ASN A 24 9.10 -0.33 1.18
N LEU A 25 7.96 0.30 0.92
CA LEU A 25 7.92 1.57 0.22
C LEU A 25 6.78 2.44 0.73
N ILE A 26 6.97 3.76 0.67
CA ILE A 26 5.96 4.70 1.12
C ILE A 26 5.13 5.21 -0.04
N ILE A 27 3.80 5.17 0.11
CA ILE A 27 2.90 5.64 -0.92
C ILE A 27 2.09 6.84 -0.45
N ARG A 28 2.26 7.97 -1.13
CA ARG A 28 1.53 9.19 -0.78
C ARG A 28 0.19 9.25 -1.49
N VAL A 29 -0.88 9.15 -0.72
CA VAL A 29 -2.23 9.19 -1.27
C VAL A 29 -2.75 10.63 -1.36
N GLY A 30 -2.56 11.25 -2.53
CA GLY A 30 -3.01 12.62 -2.71
C GLY A 30 -2.54 13.54 -1.60
N SER A 31 -3.30 14.60 -1.36
CA SER A 31 -2.95 15.56 -0.32
C SER A 31 -3.64 15.21 1.00
N ASP A 32 -4.10 13.97 1.11
CA ASP A 32 -4.76 13.51 2.32
C ASP A 32 -3.75 12.98 3.34
N HIS A 33 -2.91 12.05 2.90
CA HIS A 33 -1.90 11.46 3.77
C HIS A 33 -1.04 10.46 3.01
N SER A 34 -0.22 9.72 3.74
CA SER A 34 0.66 8.72 3.14
C SER A 34 0.71 7.45 3.98
N TYR A 35 0.72 6.31 3.31
CA TYR A 35 0.76 5.02 4.00
C TYR A 35 1.96 4.19 3.53
N LEU A 36 2.71 3.66 4.49
CA LEU A 36 3.88 2.85 4.18
C LEU A 36 3.48 1.40 3.89
N ILE A 37 3.61 1.00 2.62
CA ILE A 37 3.26 -0.35 2.22
C ILE A 37 4.51 -1.18 1.95
N ARG A 38 4.53 -2.41 2.46
CA ARG A 38 5.66 -3.30 2.28
C ARG A 38 5.20 -4.70 1.90
N ALA A 39 6.05 -5.43 1.20
CA ALA A 39 5.73 -6.80 0.79
C ALA A 39 6.81 -7.78 1.21
N THR A 40 6.42 -9.03 1.44
CA THR A 40 7.36 -10.06 1.84
C THR A 40 8.13 -10.62 0.65
N VAL A 41 9.09 -11.49 0.93
CA VAL A 41 9.89 -12.10 -0.12
C VAL A 41 9.01 -12.85 -1.13
N SER A 42 7.81 -13.21 -0.69
CA SER A 42 6.87 -13.93 -1.55
C SER A 42 5.78 -12.99 -2.06
N CYS A 43 6.03 -11.69 -1.97
CA CYS A 43 5.06 -10.69 -2.41
C CYS A 43 3.75 -10.82 -1.65
N GLY A 44 3.57 -9.97 -0.65
CA GLY A 44 2.35 -10.00 0.15
C GLY A 44 2.00 -8.65 0.73
N LEU A 45 0.84 -8.13 0.33
CA LEU A 45 0.38 -6.83 0.81
C LEU A 45 0.43 -6.76 2.34
N SER A 46 1.15 -5.77 2.86
CA SER A 46 1.28 -5.60 4.30
C SER A 46 1.48 -4.13 4.66
N LEU A 47 0.99 -3.74 5.84
CA LEU A 47 1.11 -2.36 6.29
C LEU A 47 2.08 -2.26 7.46
N ASN A 48 2.91 -1.23 7.46
CA ASN A 48 3.89 -1.02 8.52
C ASN A 48 3.19 -0.86 9.87
N PRO A 49 3.87 -1.28 10.95
CA PRO A 49 3.34 -1.20 12.31
C PRO A 49 3.27 0.24 12.81
N SER A 50 4.24 1.05 12.41
CA SER A 50 4.30 2.45 12.83
C SER A 50 3.06 3.20 12.33
N GLN A 51 2.38 2.63 11.34
CA GLN A 51 1.19 3.25 10.77
C GLN A 51 -0.02 2.33 10.91
N SER A 52 -1.20 2.87 10.68
CA SER A 52 -2.44 2.11 10.78
C SER A 52 -3.49 2.63 9.82
N PHE A 53 -4.29 1.73 9.25
CA PHE A 53 -5.33 2.11 8.31
C PHE A 53 -6.32 3.07 8.96
N ILE A 54 -6.65 4.14 8.25
CA ILE A 54 -7.59 5.13 8.75
C ILE A 54 -8.44 5.71 7.64
N ASN A 55 -9.48 6.46 8.01
CA ASN A 55 -10.36 7.08 7.02
C ASN A 55 -11.05 6.01 6.17
N GLY A 56 -11.06 4.79 6.66
CA GLY A 56 -11.68 3.70 5.93
C GLY A 56 -10.80 3.16 4.82
N GLU A 57 -9.62 3.76 4.66
CA GLU A 57 -8.68 3.33 3.63
C GLU A 57 -8.47 1.82 3.67
N SER A 58 -7.84 1.29 2.64
CA SER A 58 -7.58 -0.15 2.55
C SER A 58 -6.40 -0.43 1.63
N LEU A 59 -5.92 -1.67 1.66
CA LEU A 59 -4.79 -2.07 0.83
C LEU A 59 -5.22 -3.09 -0.22
N ALA A 60 -4.53 -3.09 -1.35
CA ALA A 60 -4.83 -4.02 -2.44
C ALA A 60 -3.60 -4.30 -3.29
N SER A 61 -3.56 -5.48 -3.89
CA SER A 61 -2.43 -5.87 -4.73
C SER A 61 -2.68 -5.51 -6.18
N GLY A 62 -1.67 -4.92 -6.83
CA GLY A 62 -1.81 -4.53 -8.22
C GLY A 62 -1.25 -5.57 -9.17
N GLY A 63 -0.01 -6.02 -8.91
CA GLY A 63 0.61 -7.01 -9.75
C GLY A 63 2.12 -6.95 -9.69
N ARG A 64 2.76 -6.96 -10.86
CA ARG A 64 4.22 -6.91 -10.93
C ARG A 64 4.69 -5.50 -11.24
N CYS A 65 5.96 -5.23 -10.95
CA CYS A 65 6.55 -3.92 -11.21
C CYS A 65 7.64 -4.00 -12.27
N ASN A 1 9.56 -7.36 -8.05
CA ASN A 1 8.81 -6.37 -7.30
C ASN A 1 7.32 -6.43 -7.65
N CYS A 2 6.48 -6.00 -6.71
CA CYS A 2 5.05 -6.00 -6.91
C CYS A 2 4.48 -4.59 -6.84
N THR A 3 3.18 -4.46 -7.09
CA THR A 3 2.51 -3.16 -7.04
C THR A 3 1.45 -3.12 -5.95
N ALA A 4 1.35 -1.98 -5.27
CA ALA A 4 0.38 -1.82 -4.20
C ALA A 4 -0.67 -0.77 -4.57
N ASN A 5 -1.92 -1.04 -4.23
CA ASN A 5 -3.01 -0.11 -4.53
C ASN A 5 -3.76 0.26 -3.26
N ILE A 6 -3.81 1.56 -2.97
CA ILE A 6 -4.51 2.05 -1.79
C ILE A 6 -5.91 2.57 -2.14
N LEU A 7 -6.91 2.08 -1.41
CA LEU A 7 -8.29 2.48 -1.65
C LEU A 7 -8.95 2.92 -0.35
N ASN A 8 -10.10 3.57 -0.47
CA ASN A 8 -10.84 4.04 0.70
C ASN A 8 -11.90 3.02 1.13
N ILE A 9 -12.76 3.42 2.06
CA ILE A 9 -13.81 2.54 2.54
C ILE A 9 -14.79 2.17 1.43
N ASN A 10 -14.72 2.91 0.34
CA ASN A 10 -15.59 2.67 -0.81
C ASN A 10 -14.92 1.76 -1.83
N GLU A 11 -13.76 1.21 -1.45
CA GLU A 11 -13.01 0.32 -2.33
C GLU A 11 -12.67 1.02 -3.65
N VAL A 12 -12.23 2.27 -3.55
CA VAL A 12 -11.87 3.04 -4.74
C VAL A 12 -10.39 3.37 -4.74
N VAL A 13 -9.71 2.98 -5.82
CA VAL A 13 -8.28 3.24 -5.95
C VAL A 13 -7.97 4.73 -5.88
N ILE A 14 -7.22 5.12 -4.86
CA ILE A 14 -6.85 6.52 -4.67
C ILE A 14 -5.35 6.72 -4.82
N ALA A 15 -4.58 5.68 -4.50
CA ALA A 15 -3.13 5.74 -4.59
C ALA A 15 -2.56 4.42 -5.09
N THR A 16 -1.40 4.49 -5.74
CA THR A 16 -0.75 3.30 -6.28
C THR A 16 0.77 3.47 -6.28
N GLY A 17 1.46 2.52 -5.65
CA GLY A 17 2.91 2.58 -5.59
C GLY A 17 3.56 1.26 -5.95
N CYS A 18 4.88 1.17 -5.78
CA CYS A 18 5.61 -0.04 -6.09
C CYS A 18 6.20 -0.65 -4.84
N VAL A 19 5.79 -1.88 -4.53
CA VAL A 19 6.28 -2.58 -3.35
C VAL A 19 7.14 -3.78 -3.74
N PRO A 20 8.46 -3.62 -3.66
CA PRO A 20 9.42 -4.68 -4.00
C PRO A 20 9.39 -5.83 -2.99
N ALA A 21 9.42 -7.05 -3.49
CA ALA A 21 9.40 -8.24 -2.63
C ALA A 21 10.53 -8.19 -1.61
N GLY A 22 10.18 -8.30 -0.34
CA GLY A 22 11.18 -8.26 0.71
C GLY A 22 11.56 -6.85 1.10
N GLY A 23 11.06 -5.87 0.35
CA GLY A 23 11.36 -4.48 0.64
C GLY A 23 10.15 -3.70 1.09
N ASN A 24 10.31 -2.40 1.26
CA ASN A 24 9.22 -1.53 1.70
C ASN A 24 9.31 -0.16 1.03
N LEU A 25 8.15 0.45 0.78
CA LEU A 25 8.10 1.76 0.15
C LEU A 25 6.93 2.58 0.70
N ILE A 26 7.09 3.89 0.72
CA ILE A 26 6.06 4.78 1.21
C ILE A 26 5.19 5.31 0.06
N ILE A 27 3.89 5.05 0.13
CA ILE A 27 2.97 5.51 -0.89
C ILE A 27 2.19 6.74 -0.44
N ARG A 28 2.45 7.87 -1.09
CA ARG A 28 1.77 9.12 -0.76
C ARG A 28 0.42 9.22 -1.46
N VAL A 29 -0.65 9.12 -0.68
CA VAL A 29 -2.01 9.21 -1.23
C VAL A 29 -2.48 10.65 -1.32
N GLY A 30 -2.30 11.27 -2.47
CA GLY A 30 -2.71 12.65 -2.67
C GLY A 30 -2.20 13.56 -1.56
N SER A 31 -2.93 14.63 -1.31
CA SER A 31 -2.54 15.60 -0.27
C SER A 31 -3.23 15.27 1.05
N ASP A 32 -3.67 14.04 1.19
CA ASP A 32 -4.35 13.61 2.41
C ASP A 32 -3.34 13.04 3.41
N HIS A 33 -2.60 12.01 2.99
CA HIS A 33 -1.61 11.38 3.84
C HIS A 33 -0.77 10.38 3.06
N SER A 34 0.02 9.59 3.78
CA SER A 34 0.88 8.59 3.15
C SER A 34 0.92 7.31 3.97
N TYR A 35 0.90 6.18 3.29
CA TYR A 35 0.93 4.88 3.96
C TYR A 35 2.14 4.05 3.50
N LEU A 36 2.87 3.52 4.47
CA LEU A 36 4.05 2.71 4.16
C LEU A 36 3.66 1.26 3.87
N ILE A 37 3.81 0.86 2.61
CA ILE A 37 3.48 -0.50 2.19
C ILE A 37 4.73 -1.30 1.87
N ARG A 38 4.81 -2.52 2.40
CA ARG A 38 5.96 -3.38 2.17
C ARG A 38 5.50 -4.78 1.75
N ALA A 39 6.40 -5.52 1.10
CA ALA A 39 6.10 -6.87 0.65
C ALA A 39 7.15 -7.86 1.13
N THR A 40 6.78 -9.14 1.17
CA THR A 40 7.70 -10.18 1.61
C THR A 40 8.33 -10.90 0.43
N VAL A 41 9.14 -11.91 0.71
CA VAL A 41 9.81 -12.68 -0.33
C VAL A 41 8.79 -13.35 -1.25
N SER A 42 7.57 -13.51 -0.77
CA SER A 42 6.50 -14.13 -1.54
C SER A 42 5.52 -13.09 -2.06
N CYS A 43 5.97 -11.84 -2.11
CA CYS A 43 5.14 -10.74 -2.60
C CYS A 43 3.80 -10.71 -1.86
N GLY A 44 3.77 -9.97 -0.76
CA GLY A 44 2.54 -9.86 0.02
C GLY A 44 2.37 -8.50 0.65
N LEU A 45 1.39 -7.75 0.17
CA LEU A 45 1.12 -6.41 0.68
C LEU A 45 0.99 -6.42 2.20
N SER A 46 1.45 -5.35 2.83
CA SER A 46 1.39 -5.24 4.29
C SER A 46 1.62 -3.80 4.74
N LEU A 47 0.91 -3.39 5.78
CA LEU A 47 1.04 -2.03 6.31
C LEU A 47 1.98 -2.00 7.51
N ASN A 48 2.83 -0.98 7.55
CA ASN A 48 3.78 -0.84 8.65
C ASN A 48 3.06 -0.71 9.99
N PRO A 49 3.70 -1.19 11.06
CA PRO A 49 3.14 -1.14 12.42
C PRO A 49 3.07 0.28 12.97
N SER A 50 4.11 1.07 12.69
CA SER A 50 4.17 2.45 13.16
C SER A 50 2.95 3.25 12.66
N GLN A 51 2.36 2.78 11.57
CA GLN A 51 1.20 3.44 10.99
C GLN A 51 -0.03 2.53 11.03
N SER A 52 -1.20 3.12 10.81
CA SER A 52 -2.45 2.36 10.83
C SER A 52 -3.47 2.98 9.89
N PHE A 53 -4.25 2.12 9.23
CA PHE A 53 -5.27 2.59 8.29
C PHE A 53 -6.27 3.50 8.99
N ILE A 54 -6.69 4.54 8.28
CA ILE A 54 -7.66 5.49 8.84
C ILE A 54 -8.67 5.93 7.77
N ASN A 55 -9.75 6.56 8.22
CA ASN A 55 -10.79 7.03 7.31
C ASN A 55 -11.40 5.87 6.54
N GLY A 56 -11.23 4.66 7.07
CA GLY A 56 -11.77 3.48 6.42
C GLY A 56 -10.91 3.01 5.25
N GLU A 57 -9.71 3.56 5.14
CA GLU A 57 -8.80 3.20 4.06
C GLU A 57 -8.60 1.69 4.00
N SER A 58 -7.88 1.23 2.99
CA SER A 58 -7.62 -0.20 2.82
C SER A 58 -6.52 -0.42 1.78
N LEU A 59 -5.99 -1.65 1.75
CA LEU A 59 -4.93 -2.00 0.81
C LEU A 59 -5.43 -3.04 -0.19
N ALA A 60 -4.84 -3.02 -1.38
CA ALA A 60 -5.22 -3.97 -2.44
C ALA A 60 -4.05 -4.25 -3.36
N SER A 61 -4.01 -5.45 -3.92
CA SER A 61 -2.94 -5.85 -4.84
C SER A 61 -3.07 -5.12 -6.18
N GLY A 62 -1.94 -4.64 -6.69
CA GLY A 62 -1.95 -3.93 -7.96
C GLY A 62 -1.16 -4.66 -9.04
N GLY A 63 -1.01 -5.97 -8.87
CA GLY A 63 -0.27 -6.76 -9.84
C GLY A 63 1.23 -6.67 -9.63
N ARG A 64 1.99 -6.73 -10.72
CA ARG A 64 3.44 -6.66 -10.65
C ARG A 64 3.94 -5.30 -11.12
N CYS A 65 5.20 -5.01 -10.83
CA CYS A 65 5.81 -3.75 -11.22
C CYS A 65 6.65 -3.91 -12.48
N ASN A 1 8.94 -7.44 -8.40
CA ASN A 1 8.45 -6.38 -7.54
C ASN A 1 6.98 -6.62 -7.16
N CYS A 2 6.55 -6.01 -6.06
CA CYS A 2 5.18 -6.17 -5.60
C CYS A 2 4.35 -4.92 -5.94
N THR A 3 3.06 -5.13 -6.21
CA THR A 3 2.17 -4.03 -6.55
C THR A 3 1.19 -3.75 -5.43
N ALA A 4 1.26 -2.56 -4.86
CA ALA A 4 0.37 -2.16 -3.77
C ALA A 4 -0.65 -1.13 -4.24
N ASN A 5 -1.91 -1.38 -3.93
CA ASN A 5 -2.99 -0.46 -4.32
C ASN A 5 -3.76 0.01 -3.10
N ILE A 6 -3.76 1.32 -2.87
CA ILE A 6 -4.46 1.91 -1.74
C ILE A 6 -5.81 2.48 -2.17
N LEU A 7 -6.86 2.10 -1.44
CA LEU A 7 -8.20 2.58 -1.74
C LEU A 7 -8.80 3.34 -0.56
N ASN A 8 -9.89 4.05 -0.80
CA ASN A 8 -10.55 4.81 0.25
C ASN A 8 -11.68 4.00 0.89
N ILE A 9 -12.44 4.65 1.75
CA ILE A 9 -13.56 3.98 2.42
C ILE A 9 -14.57 3.44 1.43
N ASN A 10 -14.52 3.95 0.20
CA ASN A 10 -15.42 3.52 -0.85
C ASN A 10 -14.78 2.41 -1.70
N GLU A 11 -13.68 1.86 -1.20
CA GLU A 11 -12.98 0.79 -1.90
C GLU A 11 -12.52 1.26 -3.28
N VAL A 12 -12.30 2.57 -3.41
CA VAL A 12 -11.85 3.15 -4.67
C VAL A 12 -10.35 3.42 -4.65
N VAL A 13 -9.64 2.86 -5.64
CA VAL A 13 -8.21 3.04 -5.73
C VAL A 13 -7.84 4.52 -5.84
N ILE A 14 -7.09 5.02 -4.86
CA ILE A 14 -6.67 6.41 -4.85
C ILE A 14 -5.16 6.54 -4.99
N ALA A 15 -4.45 5.49 -4.61
CA ALA A 15 -3.00 5.47 -4.69
C ALA A 15 -2.48 4.10 -5.11
N THR A 16 -1.33 4.09 -5.78
CA THR A 16 -0.74 2.84 -6.25
C THR A 16 0.79 2.95 -6.31
N GLY A 17 1.47 2.01 -5.67
CA GLY A 17 2.92 2.01 -5.65
C GLY A 17 3.51 0.63 -5.87
N CYS A 18 4.83 0.53 -5.79
CA CYS A 18 5.51 -0.73 -5.98
C CYS A 18 6.40 -1.06 -4.78
N VAL A 19 6.10 -2.19 -4.12
CA VAL A 19 6.88 -2.61 -2.95
C VAL A 19 7.91 -3.66 -3.34
N PRO A 20 9.18 -3.39 -2.99
CA PRO A 20 10.29 -4.31 -3.29
C PRO A 20 10.23 -5.58 -2.46
N ALA A 21 10.43 -6.72 -3.10
CA ALA A 21 10.40 -8.00 -2.43
C ALA A 21 11.36 -8.02 -1.24
N GLY A 22 10.85 -8.38 -0.07
CA GLY A 22 11.68 -8.43 1.12
C GLY A 22 12.00 -7.05 1.66
N GLY A 23 11.42 -6.03 1.04
CA GLY A 23 11.66 -4.67 1.49
C GLY A 23 10.37 -3.92 1.78
N ASN A 24 10.45 -2.60 1.80
CA ASN A 24 9.28 -1.76 2.07
C ASN A 24 9.33 -0.47 1.25
N LEU A 25 8.16 0.14 1.05
CA LEU A 25 8.07 1.38 0.30
C LEU A 25 6.93 2.25 0.81
N ILE A 26 7.10 3.56 0.70
CA ILE A 26 6.09 4.51 1.15
C ILE A 26 5.25 5.02 -0.01
N ILE A 27 3.96 4.69 0.01
CA ILE A 27 3.04 5.12 -1.05
C ILE A 27 2.26 6.36 -0.63
N ARG A 28 2.53 7.48 -1.30
CA ARG A 28 1.86 8.73 -0.99
C ARG A 28 0.46 8.75 -1.62
N VAL A 29 -0.56 8.70 -0.77
CA VAL A 29 -1.94 8.72 -1.25
C VAL A 29 -2.41 10.15 -1.48
N GLY A 30 -2.44 10.56 -2.75
CA GLY A 30 -2.89 11.89 -3.09
C GLY A 30 -2.18 12.96 -2.27
N SER A 31 -2.94 13.92 -1.77
CA SER A 31 -2.38 15.01 -0.98
C SER A 31 -2.88 14.94 0.47
N ASP A 32 -3.27 13.74 0.89
CA ASP A 32 -3.76 13.54 2.25
C ASP A 32 -2.65 13.04 3.17
N HIS A 33 -2.12 11.86 2.85
CA HIS A 33 -1.04 11.27 3.65
C HIS A 33 -0.33 10.18 2.86
N SER A 34 0.52 9.43 3.55
CA SER A 34 1.27 8.34 2.92
C SER A 34 1.31 7.11 3.81
N TYR A 35 1.19 5.94 3.19
CA TYR A 35 1.20 4.68 3.93
C TYR A 35 2.39 3.81 3.51
N LEU A 36 3.08 3.25 4.49
CA LEU A 36 4.23 2.40 4.22
C LEU A 36 3.81 0.96 3.97
N ILE A 37 3.95 0.51 2.73
CA ILE A 37 3.57 -0.85 2.37
C ILE A 37 4.80 -1.75 2.25
N ARG A 38 4.78 -2.88 2.96
CA ARG A 38 5.90 -3.81 2.93
C ARG A 38 5.57 -5.01 2.04
N ALA A 39 6.60 -5.77 1.68
CA ALA A 39 6.43 -6.94 0.83
C ALA A 39 7.48 -8.00 1.14
N THR A 40 7.06 -9.26 1.12
CA THR A 40 7.96 -10.37 1.41
C THR A 40 8.71 -10.80 0.15
N VAL A 41 9.53 -11.84 0.28
CA VAL A 41 10.30 -12.36 -0.84
C VAL A 41 9.39 -12.86 -1.95
N SER A 42 8.12 -13.09 -1.61
CA SER A 42 7.15 -13.58 -2.58
C SER A 42 6.05 -12.54 -2.82
N CYS A 43 6.39 -11.28 -2.60
CA CYS A 43 5.44 -10.18 -2.79
C CYS A 43 4.22 -10.37 -1.89
N GLY A 44 4.21 -9.68 -0.76
CA GLY A 44 3.09 -9.78 0.16
C GLY A 44 2.72 -8.45 0.77
N LEU A 45 1.66 -7.84 0.25
CA LEU A 45 1.20 -6.54 0.74
C LEU A 45 1.04 -6.57 2.26
N SER A 46 1.39 -5.47 2.92
CA SER A 46 1.28 -5.36 4.36
C SER A 46 1.42 -3.91 4.81
N LEU A 47 0.78 -3.59 5.93
CA LEU A 47 0.83 -2.23 6.47
C LEU A 47 1.76 -2.16 7.68
N ASN A 48 2.57 -1.10 7.73
CA ASN A 48 3.51 -0.92 8.83
C ASN A 48 2.78 -0.82 10.16
N PRO A 49 3.43 -1.28 11.24
CA PRO A 49 2.86 -1.25 12.59
C PRO A 49 2.75 0.16 13.14
N SER A 50 3.78 0.97 12.90
CA SER A 50 3.80 2.35 13.39
C SER A 50 2.60 3.13 12.85
N GLN A 51 2.04 2.65 11.74
CA GLN A 51 0.88 3.30 11.13
C GLN A 51 -0.33 2.39 11.17
N SER A 52 -1.50 2.96 10.89
CA SER A 52 -2.74 2.20 10.90
C SER A 52 -3.73 2.78 9.90
N PHE A 53 -4.49 1.90 9.25
CA PHE A 53 -5.48 2.32 8.26
C PHE A 53 -6.51 3.26 8.90
N ILE A 54 -6.73 4.41 8.26
CA ILE A 54 -7.69 5.39 8.76
C ILE A 54 -8.51 5.98 7.63
N ASN A 55 -9.51 6.78 7.98
CA ASN A 55 -10.38 7.41 6.99
C ASN A 55 -11.09 6.35 6.13
N GLY A 56 -11.14 5.13 6.65
CA GLY A 56 -11.78 4.05 5.93
C GLY A 56 -10.89 3.46 4.84
N GLU A 57 -9.71 4.03 4.69
CA GLU A 57 -8.76 3.55 3.68
C GLU A 57 -8.55 2.05 3.80
N SER A 58 -7.92 1.46 2.79
CA SER A 58 -7.66 0.02 2.78
C SER A 58 -6.56 -0.32 1.78
N LEU A 59 -6.08 -1.55 1.84
CA LEU A 59 -5.02 -2.01 0.94
C LEU A 59 -5.54 -3.09 0.00
N ALA A 60 -4.94 -3.17 -1.19
CA ALA A 60 -5.34 -4.16 -2.18
C ALA A 60 -4.18 -4.50 -3.12
N SER A 61 -4.24 -5.68 -3.71
CA SER A 61 -3.18 -6.12 -4.63
C SER A 61 -3.56 -5.77 -6.07
N GLY A 62 -2.55 -5.39 -6.86
CA GLY A 62 -2.78 -5.05 -8.24
C GLY A 62 -2.42 -6.17 -9.19
N GLY A 63 -1.12 -6.31 -9.47
CA GLY A 63 -0.66 -7.34 -10.37
C GLY A 63 0.84 -7.30 -10.58
N ARG A 64 1.28 -6.56 -11.59
CA ARG A 64 2.70 -6.45 -11.90
C ARG A 64 3.09 -5.00 -12.17
N CYS A 65 4.35 -4.67 -11.90
CA CYS A 65 4.84 -3.31 -12.12
C CYS A 65 5.22 -3.10 -13.58
N ASN A 1 9.56 -8.08 -7.25
CA ASN A 1 8.84 -6.88 -6.80
C ASN A 1 7.35 -7.03 -6.98
N CYS A 2 6.58 -6.24 -6.23
CA CYS A 2 5.12 -6.29 -6.31
C CYS A 2 4.53 -4.89 -6.35
N THR A 3 3.27 -4.79 -6.73
CA THR A 3 2.59 -3.51 -6.81
C THR A 3 1.58 -3.34 -5.67
N ALA A 4 1.58 -2.15 -5.07
CA ALA A 4 0.65 -1.86 -3.97
C ALA A 4 -0.42 -0.88 -4.40
N ASN A 5 -1.64 -1.10 -3.92
CA ASN A 5 -2.77 -0.23 -4.25
C ASN A 5 -3.52 0.20 -2.99
N ILE A 6 -3.74 1.50 -2.85
CA ILE A 6 -4.45 2.04 -1.70
C ILE A 6 -5.83 2.55 -2.09
N LEU A 7 -6.84 2.14 -1.33
CA LEU A 7 -8.21 2.56 -1.59
C LEU A 7 -8.79 3.33 -0.40
N ASN A 8 -9.97 3.91 -0.60
CA ASN A 8 -10.63 4.67 0.46
C ASN A 8 -11.72 3.84 1.12
N ILE A 9 -12.50 4.47 1.99
CA ILE A 9 -13.58 3.80 2.69
C ILE A 9 -14.58 3.19 1.70
N ASN A 10 -14.58 3.70 0.48
CA ASN A 10 -15.48 3.21 -0.55
C ASN A 10 -14.80 2.14 -1.41
N GLU A 11 -13.67 1.63 -0.91
CA GLU A 11 -12.93 0.59 -1.62
C GLU A 11 -12.51 1.08 -3.01
N VAL A 12 -12.37 2.39 -3.15
CA VAL A 12 -11.97 2.99 -4.42
C VAL A 12 -10.48 3.31 -4.43
N VAL A 13 -9.78 2.77 -5.42
CA VAL A 13 -8.35 3.00 -5.56
C VAL A 13 -8.04 4.49 -5.70
N ILE A 14 -7.30 5.03 -4.73
CA ILE A 14 -6.93 6.44 -4.75
C ILE A 14 -5.43 6.62 -4.91
N ALA A 15 -4.67 5.59 -4.54
CA ALA A 15 -3.21 5.64 -4.65
C ALA A 15 -2.66 4.29 -5.13
N THR A 16 -1.51 4.34 -5.79
CA THR A 16 -0.88 3.12 -6.30
C THR A 16 0.63 3.26 -6.31
N GLY A 17 1.31 2.32 -5.66
CA GLY A 17 2.76 2.35 -5.60
C GLY A 17 3.39 1.01 -5.97
N CYS A 18 4.68 0.87 -5.68
CA CYS A 18 5.38 -0.36 -5.98
C CYS A 18 6.28 -0.78 -4.81
N VAL A 19 5.99 -1.96 -4.26
CA VAL A 19 6.76 -2.48 -3.13
C VAL A 19 7.72 -3.57 -3.58
N PRO A 20 9.01 -3.38 -3.29
CA PRO A 20 10.06 -4.34 -3.65
C PRO A 20 9.97 -5.62 -2.84
N ALA A 21 10.38 -6.73 -3.45
CA ALA A 21 10.35 -8.03 -2.77
C ALA A 21 11.19 -8.00 -1.50
N GLY A 22 10.56 -8.37 -0.39
CA GLY A 22 11.27 -8.38 0.89
C GLY A 22 11.58 -6.98 1.39
N GLY A 23 11.05 -5.98 0.71
CA GLY A 23 11.29 -4.60 1.10
C GLY A 23 10.01 -3.84 1.36
N ASN A 24 10.08 -2.52 1.27
CA ASN A 24 8.91 -1.67 1.49
C ASN A 24 9.09 -0.30 0.84
N LEU A 25 7.98 0.39 0.62
CA LEU A 25 8.02 1.71 -0.01
C LEU A 25 6.85 2.56 0.47
N ILE A 26 7.06 3.87 0.52
CA ILE A 26 6.01 4.80 0.94
C ILE A 26 5.14 5.23 -0.23
N ILE A 27 3.83 5.15 -0.03
CA ILE A 27 2.88 5.53 -1.07
C ILE A 27 2.10 6.77 -0.67
N ARG A 28 2.33 7.87 -1.39
CA ARG A 28 1.65 9.13 -1.11
C ARG A 28 0.29 9.17 -1.80
N VAL A 29 -0.78 9.12 -1.01
CA VAL A 29 -2.13 9.16 -1.54
C VAL A 29 -2.63 10.59 -1.70
N GLY A 30 -1.88 11.38 -2.46
CA GLY A 30 -2.26 12.77 -2.67
C GLY A 30 -2.48 13.51 -1.38
N SER A 31 -3.64 14.16 -1.25
CA SER A 31 -3.98 14.91 -0.05
C SER A 31 -4.49 14.00 1.04
N ASP A 32 -4.55 12.70 0.74
CA ASP A 32 -5.03 11.71 1.71
C ASP A 32 -3.86 11.12 2.50
N HIS A 33 -2.88 11.96 2.81
CA HIS A 33 -1.71 11.51 3.57
C HIS A 33 -0.94 10.43 2.80
N SER A 34 0.01 9.81 3.47
CA SER A 34 0.82 8.76 2.86
C SER A 34 0.86 7.52 3.75
N TYR A 35 0.80 6.35 3.13
CA TYR A 35 0.82 5.09 3.86
C TYR A 35 1.97 4.21 3.38
N LEU A 36 2.72 3.64 4.32
CA LEU A 36 3.85 2.78 4.01
C LEU A 36 3.37 1.36 3.71
N ILE A 37 3.88 0.79 2.61
CA ILE A 37 3.51 -0.56 2.21
C ILE A 37 4.75 -1.43 2.05
N ARG A 38 4.73 -2.60 2.68
CA ARG A 38 5.85 -3.53 2.61
C ARG A 38 5.38 -4.91 2.15
N ALA A 39 6.26 -5.64 1.47
CA ALA A 39 5.94 -6.97 0.97
C ALA A 39 7.00 -7.98 1.40
N THR A 40 6.57 -9.23 1.59
CA THR A 40 7.49 -10.29 1.99
C THR A 40 8.28 -10.82 0.81
N VAL A 41 9.24 -11.70 1.09
CA VAL A 41 10.07 -12.28 0.05
C VAL A 41 9.22 -13.03 -0.98
N SER A 42 8.00 -13.39 -0.57
CA SER A 42 7.09 -14.12 -1.44
C SER A 42 5.97 -13.21 -1.93
N CYS A 43 6.17 -11.90 -1.80
CA CYS A 43 5.19 -10.92 -2.23
C CYS A 43 3.90 -11.05 -1.39
N GLY A 44 3.64 -10.04 -0.57
CA GLY A 44 2.46 -10.06 0.27
C GLY A 44 2.14 -8.69 0.86
N LEU A 45 1.00 -8.13 0.47
CA LEU A 45 0.59 -6.82 0.96
C LEU A 45 0.63 -6.78 2.49
N SER A 46 1.18 -5.70 3.03
CA SER A 46 1.30 -5.53 4.47
C SER A 46 1.51 -4.07 4.84
N LEU A 47 0.92 -3.66 5.95
CA LEU A 47 1.04 -2.28 6.41
C LEU A 47 1.99 -2.18 7.60
N ASN A 48 2.83 -1.15 7.61
CA ASN A 48 3.78 -0.94 8.69
C ASN A 48 3.06 -0.78 10.03
N PRO A 49 3.73 -1.21 11.12
CA PRO A 49 3.17 -1.13 12.47
C PRO A 49 3.09 0.32 12.96
N SER A 50 4.09 1.12 12.63
CA SER A 50 4.13 2.51 13.04
C SER A 50 2.92 3.27 12.53
N GLN A 51 2.29 2.73 11.48
CA GLN A 51 1.12 3.36 10.90
C GLN A 51 -0.11 2.46 11.04
N SER A 52 -1.28 3.02 10.79
CA SER A 52 -2.53 2.28 10.90
C SER A 52 -3.57 2.81 9.91
N PHE A 53 -4.35 1.89 9.34
CA PHE A 53 -5.37 2.27 8.37
C PHE A 53 -6.38 3.22 9.00
N ILE A 54 -6.64 4.33 8.32
CA ILE A 54 -7.58 5.33 8.81
C ILE A 54 -8.41 5.91 7.67
N ASN A 55 -9.43 6.68 8.02
CA ASN A 55 -10.31 7.29 7.03
C ASN A 55 -11.00 6.23 6.19
N GLY A 56 -11.03 4.99 6.69
CA GLY A 56 -11.66 3.91 5.98
C GLY A 56 -10.77 3.34 4.89
N GLU A 57 -9.60 3.93 4.72
CA GLU A 57 -8.66 3.47 3.71
C GLU A 57 -8.44 1.97 3.78
N SER A 58 -7.83 1.40 2.75
CA SER A 58 -7.57 -0.03 2.69
C SER A 58 -6.39 -0.34 1.77
N LEU A 59 -5.92 -1.58 1.83
CA LEU A 59 -4.80 -2.01 1.00
C LEU A 59 -5.25 -3.05 -0.03
N ALA A 60 -4.56 -3.08 -1.17
CA ALA A 60 -4.88 -4.02 -2.22
C ALA A 60 -3.65 -4.33 -3.08
N SER A 61 -3.63 -5.52 -3.68
CA SER A 61 -2.52 -5.93 -4.52
C SER A 61 -2.75 -5.53 -5.97
N GLY A 62 -1.65 -5.21 -6.67
CA GLY A 62 -1.76 -4.81 -8.05
C GLY A 62 -1.21 -5.85 -9.00
N GLY A 63 -0.10 -6.47 -8.63
CA GLY A 63 0.51 -7.48 -9.47
C GLY A 63 2.02 -7.57 -9.28
N ARG A 64 2.76 -7.14 -10.31
CA ARG A 64 4.22 -7.17 -10.25
C ARG A 64 4.79 -5.81 -10.64
N CYS A 65 6.06 -5.59 -10.28
CA CYS A 65 6.73 -4.33 -10.59
C CYS A 65 8.19 -4.58 -10.94
N ASN A 1 9.78 -7.56 -7.05
CA ASN A 1 8.99 -6.39 -6.68
C ASN A 1 7.50 -6.66 -6.88
N CYS A 2 6.69 -6.09 -6.01
CA CYS A 2 5.24 -6.26 -6.09
C CYS A 2 4.54 -4.91 -6.22
N THR A 3 3.25 -4.95 -6.58
CA THR A 3 2.47 -3.73 -6.74
C THR A 3 1.40 -3.61 -5.66
N ALA A 4 1.37 -2.46 -5.00
CA ALA A 4 0.39 -2.22 -3.95
C ALA A 4 -0.66 -1.22 -4.39
N ASN A 5 -1.89 -1.40 -3.91
CA ASN A 5 -2.99 -0.52 -4.26
C ASN A 5 -3.75 -0.07 -3.02
N ILE A 6 -3.92 1.24 -2.87
CA ILE A 6 -4.63 1.79 -1.72
C ILE A 6 -6.01 2.29 -2.11
N LEU A 7 -7.02 1.85 -1.37
CA LEU A 7 -8.40 2.26 -1.65
C LEU A 7 -8.97 3.06 -0.49
N ASN A 8 -10.12 3.69 -0.71
CA ASN A 8 -10.77 4.51 0.31
C ASN A 8 -11.85 3.70 1.02
N ILE A 9 -12.62 4.38 1.87
CA ILE A 9 -13.69 3.74 2.61
C ILE A 9 -14.71 3.08 1.67
N ASN A 10 -14.71 3.53 0.42
CA ASN A 10 -15.62 2.99 -0.58
C ASN A 10 -14.97 1.86 -1.36
N GLU A 11 -13.83 1.38 -0.86
CA GLU A 11 -13.10 0.30 -1.51
C GLU A 11 -12.69 0.70 -2.93
N VAL A 12 -12.52 1.99 -3.14
CA VAL A 12 -12.13 2.51 -4.45
C VAL A 12 -10.65 2.85 -4.48
N VAL A 13 -9.92 2.26 -5.42
CA VAL A 13 -8.49 2.51 -5.55
C VAL A 13 -8.22 3.99 -5.80
N ILE A 14 -7.48 4.61 -4.89
CA ILE A 14 -7.15 6.02 -5.02
C ILE A 14 -5.65 6.22 -5.19
N ALA A 15 -4.87 5.23 -4.74
CA ALA A 15 -3.42 5.30 -4.84
C ALA A 15 -2.84 3.94 -5.23
N THR A 16 -1.66 3.96 -5.84
CA THR A 16 -1.00 2.73 -6.26
C THR A 16 0.52 2.88 -6.21
N GLY A 17 1.19 1.90 -5.60
CA GLY A 17 2.64 1.95 -5.50
C GLY A 17 3.28 0.60 -5.79
N CYS A 18 4.51 0.43 -5.32
CA CYS A 18 5.24 -0.82 -5.54
C CYS A 18 6.07 -1.18 -4.31
N VAL A 19 5.86 -2.39 -3.79
CA VAL A 19 6.59 -2.86 -2.62
C VAL A 19 7.66 -3.86 -3.01
N PRO A 20 8.91 -3.59 -2.63
CA PRO A 20 10.05 -4.47 -2.92
C PRO A 20 10.00 -5.77 -2.13
N ALA A 21 10.26 -6.88 -2.81
CA ALA A 21 10.25 -8.19 -2.16
C ALA A 21 11.17 -8.21 -0.95
N GLY A 22 10.63 -8.62 0.19
CA GLY A 22 11.42 -8.68 1.41
C GLY A 22 11.72 -7.30 1.98
N GLY A 23 11.13 -6.28 1.37
CA GLY A 23 11.36 -4.92 1.84
C GLY A 23 10.06 -4.16 2.04
N ASN A 24 10.10 -2.85 1.83
CA ASN A 24 8.92 -2.01 2.00
C ASN A 24 9.08 -0.70 1.23
N LEU A 25 7.96 -0.04 0.97
CA LEU A 25 7.97 1.23 0.25
C LEU A 25 6.82 2.13 0.70
N ILE A 26 7.03 3.44 0.65
CA ILE A 26 6.02 4.40 1.05
C ILE A 26 5.13 4.79 -0.13
N ILE A 27 3.82 4.70 0.07
CA ILE A 27 2.87 5.05 -0.98
C ILE A 27 2.07 6.29 -0.61
N ARG A 28 2.21 7.35 -1.40
CA ARG A 28 1.50 8.59 -1.15
C ARG A 28 0.09 8.54 -1.73
N VAL A 29 -0.90 8.50 -0.85
CA VAL A 29 -2.30 8.45 -1.28
C VAL A 29 -3.06 9.70 -0.84
N GLY A 30 -4.01 10.12 -1.68
CA GLY A 30 -4.78 11.31 -1.37
C GLY A 30 -4.03 12.58 -1.66
N SER A 31 -2.89 12.46 -2.33
CA SER A 31 -2.07 13.62 -2.66
C SER A 31 -1.79 14.46 -1.42
N ASP A 32 -1.75 13.81 -0.26
CA ASP A 32 -1.48 14.50 0.99
C ASP A 32 -0.89 13.54 2.02
N HIS A 33 -1.53 12.39 2.19
CA HIS A 33 -1.07 11.39 3.14
C HIS A 33 -0.30 10.28 2.43
N SER A 34 0.36 9.43 3.22
CA SER A 34 1.13 8.32 2.67
C SER A 34 1.19 7.15 3.64
N TYR A 35 1.10 5.94 3.11
CA TYR A 35 1.13 4.74 3.93
C TYR A 35 2.29 3.83 3.52
N LEU A 36 3.04 3.36 4.51
CA LEU A 36 4.17 2.49 4.25
C LEU A 36 3.72 1.04 4.11
N ILE A 37 3.83 0.51 2.88
CA ILE A 37 3.42 -0.86 2.60
C ILE A 37 4.64 -1.78 2.53
N ARG A 38 4.57 -2.90 3.26
CA ARG A 38 5.67 -3.86 3.27
C ARG A 38 5.34 -5.08 2.42
N ALA A 39 6.33 -5.94 2.20
CA ALA A 39 6.14 -7.14 1.41
C ALA A 39 7.03 -8.28 1.90
N THR A 40 6.61 -9.51 1.63
CA THR A 40 7.37 -10.68 2.06
C THR A 40 8.52 -10.96 1.11
N VAL A 41 9.43 -11.83 1.52
CA VAL A 41 10.58 -12.19 0.70
C VAL A 41 10.15 -12.65 -0.68
N SER A 42 8.92 -13.16 -0.77
CA SER A 42 8.38 -13.64 -2.04
C SER A 42 7.15 -12.84 -2.45
N CYS A 43 7.27 -11.52 -2.42
CA CYS A 43 6.17 -10.64 -2.78
C CYS A 43 5.03 -10.74 -1.77
N GLY A 44 4.40 -9.60 -1.47
CA GLY A 44 3.32 -9.59 -0.52
C GLY A 44 2.87 -8.18 -0.16
N LEU A 45 1.84 -8.07 0.66
CA LEU A 45 1.31 -6.78 1.07
C LEU A 45 1.13 -6.72 2.59
N SER A 46 1.43 -5.57 3.17
CA SER A 46 1.29 -5.38 4.61
C SER A 46 1.37 -3.91 4.98
N LEU A 47 0.97 -3.59 6.20
CA LEU A 47 0.99 -2.21 6.68
C LEU A 47 1.93 -2.06 7.88
N ASN A 48 2.73 -1.00 7.89
CA ASN A 48 3.67 -0.75 8.97
C ASN A 48 2.93 -0.57 10.29
N PRO A 49 3.58 -0.96 11.39
CA PRO A 49 3.02 -0.86 12.74
C PRO A 49 2.90 0.59 13.20
N SER A 50 3.93 1.39 12.92
CA SER A 50 3.94 2.80 13.32
C SER A 50 2.73 3.52 12.75
N GLN A 51 2.18 3.00 11.66
CA GLN A 51 1.02 3.60 11.02
C GLN A 51 -0.18 2.67 11.08
N SER A 52 -1.36 3.22 10.80
CA SER A 52 -2.59 2.43 10.84
C SER A 52 -3.61 2.97 9.83
N PHE A 53 -4.38 2.07 9.24
CA PHE A 53 -5.39 2.46 8.26
C PHE A 53 -6.40 3.43 8.87
N ILE A 54 -6.65 4.53 8.17
CA ILE A 54 -7.59 5.54 8.65
C ILE A 54 -8.44 6.07 7.50
N ASN A 55 -9.45 6.88 7.85
CA ASN A 55 -10.33 7.47 6.84
C ASN A 55 -11.03 6.38 6.04
N GLY A 56 -11.07 5.18 6.59
CA GLY A 56 -11.71 4.07 5.91
C GLY A 56 -10.82 3.45 4.84
N GLU A 57 -9.63 4.01 4.66
CA GLU A 57 -8.70 3.52 3.67
C GLU A 57 -8.51 2.00 3.80
N SER A 58 -7.88 1.40 2.80
CA SER A 58 -7.64 -0.04 2.80
C SER A 58 -6.50 -0.41 1.84
N LEU A 59 -6.05 -1.65 1.94
CA LEU A 59 -4.96 -2.12 1.08
C LEU A 59 -5.45 -3.19 0.11
N ALA A 60 -4.81 -3.29 -1.05
CA ALA A 60 -5.17 -4.26 -2.05
C ALA A 60 -3.99 -4.62 -2.95
N SER A 61 -4.10 -5.73 -3.67
CA SER A 61 -3.04 -6.17 -4.56
C SER A 61 -3.21 -5.60 -5.96
N GLY A 62 -2.10 -5.32 -6.63
CA GLY A 62 -2.15 -4.77 -7.96
C GLY A 62 -1.67 -5.74 -9.02
N GLY A 63 -0.64 -5.35 -9.77
CA GLY A 63 -0.10 -6.21 -10.80
C GLY A 63 1.40 -6.35 -10.71
N ARG A 64 2.13 -5.56 -11.49
CA ARG A 64 3.58 -5.60 -11.50
C ARG A 64 4.17 -4.20 -11.56
N CYS A 65 5.50 -4.11 -11.54
CA CYS A 65 6.18 -2.82 -11.59
C CYS A 65 6.97 -2.69 -12.89
N ASN A 1 9.05 -8.32 -7.78
CA ASN A 1 8.45 -7.18 -7.10
C ASN A 1 6.92 -7.25 -7.14
N CYS A 2 6.27 -6.53 -6.24
CA CYS A 2 4.82 -6.51 -6.19
C CYS A 2 4.29 -5.07 -6.20
N THR A 3 3.01 -4.93 -6.52
CA THR A 3 2.38 -3.61 -6.57
C THR A 3 1.32 -3.46 -5.49
N ALA A 4 1.26 -2.27 -4.89
CA ALA A 4 0.29 -2.01 -3.83
C ALA A 4 -0.81 -1.07 -4.32
N ASN A 5 -2.03 -1.29 -3.84
CA ASN A 5 -3.17 -0.48 -4.23
C ASN A 5 -3.94 0.01 -3.00
N ILE A 6 -4.02 1.33 -2.84
CA ILE A 6 -4.72 1.92 -1.72
C ILE A 6 -6.11 2.40 -2.13
N LEU A 7 -7.12 1.93 -1.40
CA LEU A 7 -8.51 2.29 -1.69
C LEU A 7 -9.14 3.00 -0.49
N ASN A 8 -10.28 3.65 -0.72
CA ASN A 8 -10.99 4.36 0.33
C ASN A 8 -12.04 3.47 0.98
N ILE A 9 -12.85 4.06 1.86
CA ILE A 9 -13.90 3.31 2.55
C ILE A 9 -14.88 2.70 1.55
N ASN A 10 -14.87 3.22 0.32
CA ASN A 10 -15.76 2.72 -0.72
C ASN A 10 -15.06 1.66 -1.55
N GLU A 11 -13.91 1.19 -1.07
CA GLU A 11 -13.14 0.17 -1.79
C GLU A 11 -12.74 0.67 -3.18
N VAL A 12 -12.61 1.98 -3.31
CA VAL A 12 -12.22 2.59 -4.58
C VAL A 12 -10.74 2.98 -4.58
N VAL A 13 -10.00 2.48 -5.55
CA VAL A 13 -8.57 2.78 -5.66
C VAL A 13 -8.34 4.27 -5.78
N ILE A 14 -7.64 4.83 -4.80
CA ILE A 14 -7.35 6.26 -4.79
C ILE A 14 -5.84 6.51 -4.91
N ALA A 15 -5.06 5.49 -4.59
CA ALA A 15 -3.61 5.60 -4.66
C ALA A 15 -2.97 4.26 -5.03
N THR A 16 -1.80 4.32 -5.67
CA THR A 16 -1.10 3.11 -6.08
C THR A 16 0.39 3.21 -5.76
N GLY A 17 0.93 2.13 -5.20
CA GLY A 17 2.33 2.11 -4.85
C GLY A 17 3.05 0.89 -5.38
N CYS A 18 4.38 0.86 -5.23
CA CYS A 18 5.17 -0.27 -5.70
C CYS A 18 6.09 -0.78 -4.60
N VAL A 19 5.88 -2.05 -4.22
CA VAL A 19 6.69 -2.66 -3.17
C VAL A 19 7.50 -3.83 -3.72
N PRO A 20 8.84 -3.71 -3.65
CA PRO A 20 9.75 -4.74 -4.13
C PRO A 20 9.72 -5.99 -3.27
N ALA A 21 10.09 -7.13 -3.87
CA ALA A 21 10.09 -8.40 -3.16
C ALA A 21 11.06 -8.36 -1.97
N GLY A 22 10.54 -8.64 -0.78
CA GLY A 22 11.36 -8.64 0.41
C GLY A 22 11.77 -7.22 0.81
N GLY A 23 11.21 -6.23 0.13
CA GLY A 23 11.54 -4.85 0.45
C GLY A 23 10.33 -4.05 0.87
N ASN A 24 10.55 -2.78 1.21
CA ASN A 24 9.47 -1.91 1.64
C ASN A 24 9.59 -0.53 0.99
N LEU A 25 8.44 0.09 0.71
CA LEU A 25 8.42 1.40 0.10
C LEU A 25 7.26 2.24 0.63
N ILE A 26 7.45 3.56 0.69
CA ILE A 26 6.42 4.46 1.18
C ILE A 26 5.50 4.91 0.05
N ILE A 27 4.20 4.84 0.28
CA ILE A 27 3.21 5.23 -0.72
C ILE A 27 2.49 6.51 -0.30
N ARG A 28 2.58 7.54 -1.13
CA ARG A 28 1.93 8.81 -0.86
C ARG A 28 0.58 8.91 -1.55
N VAL A 29 -0.49 8.83 -0.76
CA VAL A 29 -1.84 8.90 -1.30
C VAL A 29 -2.32 10.34 -1.39
N GLY A 30 -1.95 11.02 -2.47
CA GLY A 30 -2.36 12.40 -2.66
C GLY A 30 -2.04 13.26 -1.45
N SER A 31 -2.65 14.44 -1.39
CA SER A 31 -2.43 15.37 -0.28
C SER A 31 -3.00 14.80 1.02
N ASP A 32 -3.87 13.80 0.89
CA ASP A 32 -4.49 13.17 2.05
C ASP A 32 -3.43 12.76 3.07
N HIS A 33 -2.56 11.83 2.68
CA HIS A 33 -1.51 11.34 3.56
C HIS A 33 -0.65 10.30 2.85
N SER A 34 0.21 9.64 3.62
CA SER A 34 1.10 8.62 3.07
C SER A 34 1.16 7.41 3.98
N TYR A 35 1.21 6.21 3.38
CA TYR A 35 1.28 4.97 4.14
C TYR A 35 2.45 4.12 3.69
N LEU A 36 3.21 3.61 4.65
CA LEU A 36 4.37 2.77 4.35
C LEU A 36 3.94 1.34 4.05
N ILE A 37 4.13 0.90 2.82
CA ILE A 37 3.76 -0.45 2.41
C ILE A 37 4.99 -1.31 2.18
N ARG A 38 4.98 -2.51 2.74
CA ARG A 38 6.10 -3.44 2.60
C ARG A 38 5.61 -4.83 2.22
N ALA A 39 6.48 -5.59 1.56
CA ALA A 39 6.14 -6.95 1.13
C ALA A 39 7.26 -7.91 1.46
N THR A 40 6.90 -9.18 1.69
CA THR A 40 7.88 -10.21 2.02
C THR A 40 8.22 -11.04 0.80
N VAL A 41 8.99 -12.11 1.01
CA VAL A 41 9.39 -12.99 -0.08
C VAL A 41 8.17 -13.59 -0.77
N SER A 42 7.04 -13.59 -0.09
CA SER A 42 5.81 -14.13 -0.64
C SER A 42 5.08 -13.09 -1.49
N CYS A 43 5.65 -11.89 -1.55
CA CYS A 43 5.06 -10.81 -2.33
C CYS A 43 3.70 -10.41 -1.76
N GLY A 44 3.58 -10.45 -0.44
CA GLY A 44 2.34 -10.08 0.20
C GLY A 44 2.36 -8.69 0.78
N LEU A 45 1.41 -7.85 0.36
CA LEU A 45 1.33 -6.49 0.84
C LEU A 45 1.16 -6.45 2.35
N SER A 46 1.57 -5.34 2.96
CA SER A 46 1.46 -5.17 4.41
C SER A 46 1.66 -3.72 4.81
N LEU A 47 1.05 -3.32 5.92
CA LEU A 47 1.16 -1.95 6.40
C LEU A 47 2.06 -1.89 7.64
N ASN A 48 2.92 -0.87 7.69
CA ASN A 48 3.83 -0.71 8.82
C ASN A 48 3.05 -0.52 10.12
N PRO A 49 3.64 -0.97 11.24
CA PRO A 49 3.03 -0.86 12.56
C PRO A 49 2.97 0.58 13.06
N SER A 50 4.00 1.35 12.73
CA SER A 50 4.06 2.76 13.14
C SER A 50 2.89 3.55 12.58
N GLN A 51 2.26 3.01 11.54
CA GLN A 51 1.12 3.66 10.90
C GLN A 51 -0.13 2.78 10.98
N SER A 52 -1.28 3.38 10.69
CA SER A 52 -2.54 2.65 10.73
C SER A 52 -3.53 3.22 9.72
N PHE A 53 -4.32 2.35 9.10
CA PHE A 53 -5.31 2.77 8.12
C PHE A 53 -6.37 3.66 8.76
N ILE A 54 -6.83 4.66 8.01
CA ILE A 54 -7.84 5.58 8.51
C ILE A 54 -8.78 6.02 7.39
N ASN A 55 -9.85 6.72 7.76
CA ASN A 55 -10.82 7.20 6.79
C ASN A 55 -11.46 6.03 6.03
N GLY A 56 -11.37 4.84 6.62
CA GLY A 56 -11.94 3.66 5.99
C GLY A 56 -11.05 3.11 4.89
N GLU A 57 -9.90 3.75 4.68
CA GLU A 57 -8.96 3.30 3.66
C GLU A 57 -8.66 1.81 3.80
N SER A 58 -7.98 1.26 2.81
CA SER A 58 -7.62 -0.15 2.82
C SER A 58 -6.53 -0.46 1.81
N LEU A 59 -5.97 -1.66 1.87
CA LEU A 59 -4.91 -2.07 0.96
C LEU A 59 -5.38 -3.21 0.06
N ALA A 60 -4.81 -3.28 -1.14
CA ALA A 60 -5.16 -4.32 -2.09
C ALA A 60 -4.02 -4.60 -3.06
N SER A 61 -3.97 -5.82 -3.58
CA SER A 61 -2.92 -6.22 -4.50
C SER A 61 -3.16 -5.63 -5.88
N GLY A 62 -2.07 -5.34 -6.59
CA GLY A 62 -2.18 -4.77 -7.92
C GLY A 62 -1.83 -5.75 -9.01
N GLY A 63 -0.76 -5.47 -9.75
CA GLY A 63 -0.34 -6.36 -10.82
C GLY A 63 0.92 -5.86 -11.50
N ARG A 64 2.07 -6.09 -10.87
CA ARG A 64 3.35 -5.66 -11.43
C ARG A 64 3.40 -4.14 -11.58
N CYS A 65 4.60 -3.60 -11.75
CA CYS A 65 4.79 -2.17 -11.90
C CYS A 65 5.20 -1.83 -13.33
N ASN A 1 9.53 -7.48 -7.22
CA ASN A 1 8.74 -6.36 -6.70
C ASN A 1 7.26 -6.59 -6.94
N CYS A 2 6.42 -5.84 -6.22
CA CYS A 2 4.98 -5.97 -6.35
C CYS A 2 4.32 -4.59 -6.35
N THR A 3 3.02 -4.57 -6.66
CA THR A 3 2.28 -3.31 -6.69
C THR A 3 1.25 -3.25 -5.56
N ALA A 4 1.14 -2.09 -4.93
CA ALA A 4 0.20 -1.89 -3.83
C ALA A 4 -0.87 -0.89 -4.21
N ASN A 5 -2.13 -1.25 -3.98
CA ASN A 5 -3.26 -0.38 -4.29
C ASN A 5 -3.98 0.05 -3.02
N ILE A 6 -4.07 1.36 -2.81
CA ILE A 6 -4.74 1.90 -1.63
C ILE A 6 -6.14 2.41 -1.98
N LEU A 7 -7.13 1.96 -1.21
CA LEU A 7 -8.51 2.38 -1.43
C LEU A 7 -9.15 2.85 -0.13
N ASN A 8 -10.33 3.45 -0.26
CA ASN A 8 -11.06 3.95 0.91
C ASN A 8 -12.13 2.97 1.34
N ILE A 9 -12.99 3.40 2.27
CA ILE A 9 -14.07 2.56 2.76
C ILE A 9 -15.03 2.18 1.63
N ASN A 10 -14.94 2.91 0.53
CA ASN A 10 -15.81 2.65 -0.62
C ASN A 10 -15.13 1.69 -1.60
N GLU A 11 -14.00 1.13 -1.19
CA GLU A 11 -13.26 0.21 -2.04
C GLU A 11 -12.91 0.85 -3.38
N VAL A 12 -12.48 2.10 -3.34
CA VAL A 12 -12.12 2.83 -4.55
C VAL A 12 -10.62 3.15 -4.57
N VAL A 13 -9.95 2.71 -5.61
CA VAL A 13 -8.52 2.96 -5.76
C VAL A 13 -8.21 4.46 -5.75
N ILE A 14 -7.46 4.89 -4.75
CA ILE A 14 -7.10 6.30 -4.62
C ILE A 14 -5.59 6.49 -4.76
N ALA A 15 -4.83 5.47 -4.39
CA ALA A 15 -3.38 5.53 -4.48
C ALA A 15 -2.80 4.20 -4.97
N THR A 16 -1.64 4.26 -5.61
CA THR A 16 -0.99 3.06 -6.13
C THR A 16 0.53 3.20 -6.10
N GLY A 17 1.19 2.25 -5.44
CA GLY A 17 2.64 2.28 -5.34
C GLY A 17 3.27 0.96 -5.73
N CYS A 18 4.56 0.82 -5.42
CA CYS A 18 5.29 -0.41 -5.74
C CYS A 18 6.19 -0.82 -4.59
N VAL A 19 5.94 -2.01 -4.04
CA VAL A 19 6.74 -2.52 -2.93
C VAL A 19 7.78 -3.51 -3.42
N PRO A 20 9.05 -3.23 -3.11
CA PRO A 20 10.17 -4.09 -3.50
C PRO A 20 10.18 -5.41 -2.74
N ALA A 21 10.48 -6.50 -3.44
CA ALA A 21 10.53 -7.82 -2.84
C ALA A 21 11.48 -7.84 -1.65
N GLY A 22 10.97 -8.26 -0.49
CA GLY A 22 11.79 -8.32 0.70
C GLY A 22 12.08 -6.94 1.28
N GLY A 23 11.46 -5.91 0.70
CA GLY A 23 11.66 -4.57 1.16
C GLY A 23 10.36 -3.84 1.45
N ASN A 24 10.39 -2.51 1.39
CA ASN A 24 9.20 -1.71 1.66
C ASN A 24 9.32 -0.34 1.00
N LEU A 25 8.18 0.30 0.76
CA LEU A 25 8.15 1.62 0.14
C LEU A 25 6.97 2.43 0.65
N ILE A 26 7.14 3.75 0.68
CA ILE A 26 6.07 4.65 1.14
C ILE A 26 5.18 5.06 -0.01
N ILE A 27 3.87 4.95 0.20
CA ILE A 27 2.90 5.33 -0.84
C ILE A 27 2.15 6.59 -0.45
N ARG A 28 2.36 7.66 -1.21
CA ARG A 28 1.70 8.93 -0.95
C ARG A 28 0.29 8.94 -1.51
N VAL A 29 -0.70 8.92 -0.62
CA VAL A 29 -2.10 8.94 -1.03
C VAL A 29 -2.73 10.31 -0.83
N GLY A 30 -3.72 10.63 -1.65
CA GLY A 30 -4.39 11.91 -1.55
C GLY A 30 -3.45 13.07 -1.82
N SER A 31 -2.30 12.78 -2.39
CA SER A 31 -1.31 13.80 -2.70
C SER A 31 -0.92 14.58 -1.45
N ASP A 32 -1.16 13.97 -0.29
CA ASP A 32 -0.83 14.61 0.98
C ASP A 32 -0.23 13.59 1.95
N HIS A 33 -1.09 12.73 2.51
CA HIS A 33 -0.64 11.72 3.45
C HIS A 33 0.06 10.57 2.73
N SER A 34 0.69 9.69 3.50
CA SER A 34 1.40 8.55 2.93
C SER A 34 1.46 7.39 3.92
N TYR A 35 1.29 6.18 3.42
CA TYR A 35 1.32 4.99 4.26
C TYR A 35 2.48 4.07 3.87
N LEU A 36 3.13 3.49 4.86
CA LEU A 36 4.25 2.58 4.62
C LEU A 36 3.75 1.19 4.23
N ILE A 37 4.24 0.68 3.11
CA ILE A 37 3.85 -0.63 2.63
C ILE A 37 5.08 -1.50 2.38
N ARG A 38 5.08 -2.69 2.98
CA ARG A 38 6.20 -3.62 2.82
C ARG A 38 5.71 -4.97 2.29
N ALA A 39 6.60 -5.68 1.62
CA ALA A 39 6.26 -6.99 1.06
C ALA A 39 7.27 -8.05 1.48
N THR A 40 6.86 -9.32 1.41
CA THR A 40 7.73 -10.42 1.79
C THR A 40 8.36 -11.06 0.56
N VAL A 41 9.20 -12.07 0.79
CA VAL A 41 9.88 -12.77 -0.29
C VAL A 41 8.88 -13.41 -1.24
N SER A 42 7.65 -13.60 -0.75
CA SER A 42 6.59 -14.20 -1.57
C SER A 42 5.68 -13.14 -2.15
N CYS A 43 6.07 -11.87 -1.98
CA CYS A 43 5.28 -10.76 -2.50
C CYS A 43 3.92 -10.69 -1.81
N GLY A 44 3.83 -9.93 -0.73
CA GLY A 44 2.57 -9.80 -0.01
C GLY A 44 2.42 -8.43 0.62
N LEU A 45 1.45 -7.67 0.13
CA LEU A 45 1.20 -6.33 0.66
C LEU A 45 0.98 -6.37 2.17
N SER A 46 1.44 -5.32 2.85
CA SER A 46 1.30 -5.25 4.31
C SER A 46 1.58 -3.83 4.80
N LEU A 47 0.83 -3.40 5.80
CA LEU A 47 0.99 -2.06 6.37
C LEU A 47 1.89 -2.10 7.60
N ASN A 48 2.78 -1.11 7.70
CA ASN A 48 3.70 -1.03 8.83
C ASN A 48 2.93 -0.91 10.15
N PRO A 49 3.52 -1.43 11.23
CA PRO A 49 2.92 -1.40 12.56
C PRO A 49 2.89 0.01 13.15
N SER A 50 3.93 0.78 12.87
CA SER A 50 4.02 2.15 13.38
C SER A 50 2.88 3.00 12.84
N GLN A 51 2.24 2.54 11.77
CA GLN A 51 1.13 3.25 11.16
C GLN A 51 -0.13 2.39 11.14
N SER A 52 -1.27 3.02 10.92
CA SER A 52 -2.54 2.30 10.88
C SER A 52 -3.52 3.00 9.92
N PHE A 53 -4.30 2.20 9.21
CA PHE A 53 -5.28 2.74 8.26
C PHE A 53 -6.29 3.64 8.98
N ILE A 54 -6.72 4.68 8.27
CA ILE A 54 -7.67 5.63 8.83
C ILE A 54 -8.78 5.97 7.83
N ASN A 55 -9.86 6.56 8.31
CA ASN A 55 -10.98 6.94 7.46
C ASN A 55 -11.58 5.71 6.79
N GLY A 56 -11.31 4.53 7.36
CA GLY A 56 -11.83 3.31 6.81
C GLY A 56 -11.03 2.82 5.61
N GLU A 57 -9.87 3.42 5.39
CA GLU A 57 -9.01 3.05 4.27
C GLU A 57 -8.72 1.55 4.29
N SER A 58 -8.05 1.08 3.24
CA SER A 58 -7.71 -0.34 3.13
C SER A 58 -6.66 -0.56 2.05
N LEU A 59 -6.05 -1.73 2.06
CA LEU A 59 -5.03 -2.07 1.08
C LEU A 59 -5.50 -3.20 0.17
N ALA A 60 -4.99 -3.23 -1.06
CA ALA A 60 -5.35 -4.26 -2.02
C ALA A 60 -4.23 -4.48 -3.04
N SER A 61 -4.19 -5.67 -3.62
CA SER A 61 -3.17 -6.01 -4.60
C SER A 61 -3.23 -5.06 -5.79
N GLY A 62 -2.12 -4.94 -6.51
CA GLY A 62 -2.07 -4.07 -7.67
C GLY A 62 -1.59 -4.79 -8.91
N GLY A 63 -0.70 -5.75 -8.73
CA GLY A 63 -0.18 -6.50 -9.86
C GLY A 63 1.29 -6.83 -9.70
N ARG A 64 2.11 -6.42 -10.68
CA ARG A 64 3.54 -6.67 -10.65
C ARG A 64 4.32 -5.44 -11.06
N CYS A 65 5.62 -5.45 -10.79
CA CYS A 65 6.48 -4.33 -11.12
C CYS A 65 7.63 -4.78 -12.03
N ASN A 1 9.65 -7.12 -7.19
CA ASN A 1 8.87 -5.91 -6.97
C ASN A 1 7.40 -6.12 -7.34
N CYS A 2 6.51 -5.54 -6.56
CA CYS A 2 5.08 -5.67 -6.81
C CYS A 2 4.39 -4.31 -6.77
N THR A 3 3.14 -4.26 -7.23
CA THR A 3 2.38 -3.02 -7.25
C THR A 3 1.33 -3.00 -6.14
N ALA A 4 1.27 -1.89 -5.42
CA ALA A 4 0.32 -1.72 -4.33
C ALA A 4 -0.78 -0.74 -4.71
N ASN A 5 -1.98 -0.98 -4.19
CA ASN A 5 -3.12 -0.12 -4.48
C ASN A 5 -3.85 0.26 -3.19
N ILE A 6 -4.02 1.56 -2.96
CA ILE A 6 -4.71 2.05 -1.77
C ILE A 6 -6.10 2.56 -2.11
N LEU A 7 -7.11 2.04 -1.40
CA LEU A 7 -8.49 2.46 -1.63
C LEU A 7 -9.04 3.21 -0.42
N ASN A 8 -10.18 3.86 -0.60
CA ASN A 8 -10.81 4.60 0.48
C ASN A 8 -11.90 3.78 1.16
N ILE A 9 -12.64 4.41 2.05
CA ILE A 9 -13.71 3.73 2.78
C ILE A 9 -14.74 3.14 1.82
N ASN A 10 -14.75 3.65 0.59
CA ASN A 10 -15.68 3.18 -0.43
C ASN A 10 -15.05 2.09 -1.28
N GLU A 11 -13.91 1.58 -0.83
CA GLU A 11 -13.20 0.53 -1.55
C GLU A 11 -12.81 1.01 -2.95
N VAL A 12 -12.61 2.31 -3.10
CA VAL A 12 -12.24 2.89 -4.37
C VAL A 12 -10.76 3.25 -4.39
N VAL A 13 -10.02 2.71 -5.37
CA VAL A 13 -8.60 2.98 -5.50
C VAL A 13 -8.34 4.47 -5.67
N ILE A 14 -7.59 5.05 -4.74
CA ILE A 14 -7.27 6.46 -4.79
C ILE A 14 -5.77 6.67 -4.96
N ALA A 15 -4.99 5.67 -4.58
CA ALA A 15 -3.53 5.74 -4.70
C ALA A 15 -2.96 4.42 -5.16
N THR A 16 -1.77 4.47 -5.77
CA THR A 16 -1.11 3.27 -6.26
C THR A 16 0.40 3.41 -6.20
N GLY A 17 1.07 2.40 -5.64
CA GLY A 17 2.51 2.43 -5.52
C GLY A 17 3.16 1.12 -5.95
N CYS A 18 4.34 0.84 -5.40
CA CYS A 18 5.06 -0.38 -5.71
C CYS A 18 5.96 -0.80 -4.56
N VAL A 19 5.76 -2.02 -4.07
CA VAL A 19 6.56 -2.53 -2.97
C VAL A 19 7.58 -3.57 -3.46
N PRO A 20 8.86 -3.32 -3.16
CA PRO A 20 9.95 -4.22 -3.57
C PRO A 20 9.92 -5.54 -2.80
N ALA A 21 10.27 -6.62 -3.49
CA ALA A 21 10.29 -7.95 -2.88
C ALA A 21 11.26 -7.99 -1.70
N GLY A 22 10.76 -8.45 -0.55
CA GLY A 22 11.59 -8.54 0.64
C GLY A 22 11.92 -7.17 1.20
N GLY A 23 11.31 -6.13 0.65
CA GLY A 23 11.56 -4.78 1.13
C GLY A 23 10.29 -4.04 1.46
N ASN A 24 10.32 -2.72 1.31
CA ASN A 24 9.16 -1.88 1.61
C ASN A 24 9.25 -0.54 0.89
N LEU A 25 8.11 0.11 0.72
CA LEU A 25 8.06 1.42 0.06
C LEU A 25 6.91 2.27 0.59
N ILE A 26 7.10 3.58 0.59
CA ILE A 26 6.07 4.50 1.06
C ILE A 26 5.16 4.94 -0.07
N ILE A 27 3.85 4.85 0.16
CA ILE A 27 2.87 5.25 -0.84
C ILE A 27 2.07 6.47 -0.38
N ARG A 28 2.18 7.56 -1.13
CA ARG A 28 1.46 8.78 -0.80
C ARG A 28 0.06 8.76 -1.38
N VAL A 29 -0.94 8.66 -0.50
CA VAL A 29 -2.33 8.63 -0.92
C VAL A 29 -3.09 9.85 -0.41
N GLY A 30 -4.01 10.36 -1.23
CA GLY A 30 -4.79 11.52 -0.84
C GLY A 30 -4.05 12.82 -1.09
N SER A 31 -2.96 12.74 -1.84
CA SER A 31 -2.16 13.92 -2.15
C SER A 31 -1.79 14.68 -0.88
N ASP A 32 -1.66 13.94 0.22
CA ASP A 32 -1.31 14.54 1.51
C ASP A 32 -0.83 13.47 2.49
N HIS A 33 -1.60 12.38 2.59
CA HIS A 33 -1.25 11.29 3.49
C HIS A 33 -0.37 10.27 2.79
N SER A 34 0.26 9.41 3.59
CA SER A 34 1.14 8.38 3.05
C SER A 34 1.19 7.16 3.96
N TYR A 35 1.22 5.98 3.37
CA TYR A 35 1.26 4.73 4.13
C TYR A 35 2.43 3.86 3.69
N LEU A 36 3.17 3.35 4.65
CA LEU A 36 4.32 2.50 4.37
C LEU A 36 3.88 1.05 4.12
N ILE A 37 4.00 0.61 2.87
CA ILE A 37 3.61 -0.76 2.52
C ILE A 37 4.84 -1.64 2.35
N ARG A 38 4.85 -2.77 3.05
CA ARG A 38 5.96 -3.71 2.98
C ARG A 38 5.62 -4.89 2.08
N ALA A 39 6.61 -5.72 1.80
CA ALA A 39 6.42 -6.89 0.95
C ALA A 39 7.37 -8.02 1.35
N THR A 40 6.87 -9.25 1.34
CA THR A 40 7.67 -10.41 1.69
C THR A 40 8.53 -10.86 0.53
N VAL A 41 9.44 -11.81 0.78
CA VAL A 41 10.32 -12.32 -0.25
C VAL A 41 9.53 -12.84 -1.45
N SER A 42 8.27 -13.17 -1.21
CA SER A 42 7.40 -13.69 -2.27
C SER A 42 6.30 -12.68 -2.61
N CYS A 43 6.57 -11.41 -2.34
CA CYS A 43 5.60 -10.35 -2.61
C CYS A 43 4.36 -10.52 -1.74
N GLY A 44 4.17 -9.60 -0.80
CA GLY A 44 3.02 -9.67 0.08
C GLY A 44 2.70 -8.32 0.72
N LEU A 45 1.71 -7.63 0.18
CA LEU A 45 1.30 -6.33 0.69
C LEU A 45 1.08 -6.39 2.20
N SER A 46 1.47 -5.33 2.89
CA SER A 46 1.32 -5.26 4.34
C SER A 46 1.51 -3.84 4.85
N LEU A 47 0.73 -3.45 5.85
CA LEU A 47 0.81 -2.11 6.42
C LEU A 47 1.75 -2.10 7.62
N ASN A 48 2.57 -1.05 7.71
CA ASN A 48 3.52 -0.91 8.81
C ASN A 48 2.79 -0.85 10.14
N PRO A 49 3.46 -1.34 11.20
CA PRO A 49 2.89 -1.35 12.56
C PRO A 49 2.80 0.04 13.15
N SER A 50 3.83 0.84 12.94
CA SER A 50 3.87 2.20 13.46
C SER A 50 2.68 3.01 12.97
N GLN A 51 2.12 2.58 11.83
CA GLN A 51 0.97 3.27 11.25
C GLN A 51 -0.26 2.37 11.26
N SER A 52 -1.42 2.95 10.98
CA SER A 52 -2.67 2.20 10.97
C SER A 52 -3.65 2.81 9.97
N PHE A 53 -4.41 1.95 9.29
CA PHE A 53 -5.39 2.40 8.31
C PHE A 53 -6.41 3.34 8.95
N ILE A 54 -6.75 4.41 8.25
CA ILE A 54 -7.71 5.38 8.75
C ILE A 54 -8.61 5.89 7.62
N ASN A 55 -9.67 6.61 7.99
CA ASN A 55 -10.60 7.15 7.01
C ASN A 55 -11.26 6.03 6.20
N GLY A 56 -11.21 4.82 6.74
CA GLY A 56 -11.80 3.68 6.05
C GLY A 56 -10.91 3.15 4.94
N GLU A 57 -9.75 3.77 4.77
CA GLU A 57 -8.80 3.35 3.74
C GLU A 57 -8.55 1.84 3.80
N SER A 58 -7.90 1.32 2.77
CA SER A 58 -7.60 -0.10 2.70
C SER A 58 -6.47 -0.38 1.71
N LEU A 59 -5.96 -1.61 1.73
CA LEU A 59 -4.88 -2.00 0.84
C LEU A 59 -5.36 -3.05 -0.16
N ALA A 60 -4.73 -3.07 -1.33
CA ALA A 60 -5.08 -4.03 -2.37
C ALA A 60 -3.90 -4.30 -3.29
N SER A 61 -3.79 -5.54 -3.76
CA SER A 61 -2.70 -5.94 -4.64
C SER A 61 -3.02 -5.58 -6.09
N GLY A 62 -2.00 -5.11 -6.81
CA GLY A 62 -2.18 -4.74 -8.20
C GLY A 62 -1.91 -5.88 -9.15
N GLY A 63 -0.63 -6.10 -9.45
CA GLY A 63 -0.26 -7.18 -10.36
C GLY A 63 1.13 -7.00 -10.93
N ARG A 64 2.13 -7.49 -10.20
CA ARG A 64 3.52 -7.38 -10.63
C ARG A 64 3.95 -5.92 -10.74
N CYS A 65 5.26 -5.69 -10.77
CA CYS A 65 5.80 -4.34 -10.85
C CYS A 65 7.24 -4.36 -11.37
N ASN A 1 9.51 -7.80 -7.88
CA ASN A 1 8.82 -6.77 -7.11
C ASN A 1 7.31 -6.82 -7.35
N CYS A 2 6.54 -6.41 -6.36
CA CYS A 2 5.09 -6.41 -6.47
C CYS A 2 4.54 -4.98 -6.50
N THR A 3 3.25 -4.85 -6.79
CA THR A 3 2.61 -3.54 -6.86
C THR A 3 1.58 -3.38 -5.74
N ALA A 4 1.52 -2.19 -5.17
CA ALA A 4 0.58 -1.89 -4.10
C ALA A 4 -0.43 -0.83 -4.52
N ASN A 5 -1.68 -1.02 -4.12
CA ASN A 5 -2.74 -0.08 -4.47
C ASN A 5 -3.55 0.31 -3.23
N ILE A 6 -3.67 1.61 -3.00
CA ILE A 6 -4.41 2.12 -1.85
C ILE A 6 -5.78 2.65 -2.28
N LEU A 7 -6.82 2.23 -1.55
CA LEU A 7 -8.18 2.66 -1.84
C LEU A 7 -8.80 3.37 -0.64
N ASN A 8 -9.94 4.02 -0.86
CA ASN A 8 -10.64 4.73 0.20
C ASN A 8 -11.73 3.86 0.81
N ILE A 9 -12.51 4.45 1.70
CA ILE A 9 -13.60 3.74 2.35
C ILE A 9 -14.58 3.18 1.34
N ASN A 10 -14.56 3.72 0.13
CA ASN A 10 -15.44 3.28 -0.94
C ASN A 10 -14.77 2.21 -1.80
N GLU A 11 -13.64 1.69 -1.32
CA GLU A 11 -12.90 0.67 -2.05
C GLU A 11 -12.47 1.17 -3.41
N VAL A 12 -12.30 2.48 -3.53
CA VAL A 12 -11.88 3.10 -4.78
C VAL A 12 -10.39 3.41 -4.77
N VAL A 13 -9.68 2.91 -5.77
CA VAL A 13 -8.24 3.13 -5.88
C VAL A 13 -7.92 4.62 -5.94
N ILE A 14 -7.18 5.11 -4.96
CA ILE A 14 -6.81 6.52 -4.90
C ILE A 14 -5.30 6.69 -5.01
N ALA A 15 -4.56 5.62 -4.72
CA ALA A 15 -3.10 5.65 -4.79
C ALA A 15 -2.55 4.32 -5.27
N THR A 16 -1.38 4.35 -5.88
CA THR A 16 -0.74 3.15 -6.40
C THR A 16 0.78 3.29 -6.38
N GLY A 17 1.46 2.34 -5.73
CA GLY A 17 2.90 2.38 -5.67
C GLY A 17 3.54 1.04 -6.02
N CYS A 18 4.84 0.94 -5.81
CA CYS A 18 5.57 -0.29 -6.10
C CYS A 18 6.25 -0.84 -4.85
N VAL A 19 5.86 -2.04 -4.44
CA VAL A 19 6.44 -2.68 -3.26
C VAL A 19 7.31 -3.87 -3.65
N PRO A 20 8.63 -3.71 -3.53
CA PRO A 20 9.59 -4.76 -3.86
C PRO A 20 9.55 -5.92 -2.86
N ALA A 21 9.74 -7.13 -3.38
CA ALA A 21 9.73 -8.32 -2.53
C ALA A 21 10.78 -8.23 -1.45
N GLY A 22 10.35 -8.38 -0.20
CA GLY A 22 11.29 -8.32 0.92
C GLY A 22 11.68 -6.90 1.26
N GLY A 23 11.11 -5.94 0.54
CA GLY A 23 11.42 -4.54 0.79
C GLY A 23 10.19 -3.74 1.17
N ASN A 24 10.39 -2.44 1.38
CA ASN A 24 9.29 -1.55 1.75
C ASN A 24 9.38 -0.22 1.03
N LEU A 25 8.25 0.43 0.82
CA LEU A 25 8.21 1.72 0.13
C LEU A 25 7.03 2.55 0.61
N ILE A 26 7.19 3.87 0.59
CA ILE A 26 6.14 4.78 1.02
C ILE A 26 5.27 5.21 -0.15
N ILE A 27 3.95 5.13 0.02
CA ILE A 27 3.02 5.51 -1.03
C ILE A 27 2.16 6.69 -0.60
N ARG A 28 2.35 7.83 -1.25
CA ARG A 28 1.59 9.03 -0.93
C ARG A 28 0.23 9.02 -1.62
N VAL A 29 -0.83 8.93 -0.82
CA VAL A 29 -2.18 8.91 -1.37
C VAL A 29 -2.92 10.21 -1.07
N GLY A 30 -3.40 10.87 -2.12
CA GLY A 30 -4.11 12.12 -1.95
C GLY A 30 -3.35 13.11 -1.09
N SER A 31 -4.02 14.19 -0.70
CA SER A 31 -3.40 15.22 0.12
C SER A 31 -3.56 14.89 1.60
N ASP A 32 -4.05 13.69 1.89
CA ASP A 32 -4.26 13.25 3.27
C ASP A 32 -2.92 12.89 3.92
N HIS A 33 -2.24 11.90 3.36
CA HIS A 33 -0.96 11.47 3.89
C HIS A 33 -0.39 10.31 3.07
N SER A 34 0.73 9.76 3.53
CA SER A 34 1.37 8.65 2.84
C SER A 34 1.35 7.39 3.69
N TYR A 35 1.18 6.25 3.04
CA TYR A 35 1.13 4.96 3.74
C TYR A 35 2.35 4.11 3.39
N LEU A 36 2.97 3.54 4.42
CA LEU A 36 4.15 2.69 4.22
C LEU A 36 3.74 1.26 3.93
N ILE A 37 3.97 0.83 2.70
CA ILE A 37 3.63 -0.54 2.29
C ILE A 37 4.89 -1.35 2.01
N ARG A 38 4.93 -2.57 2.56
CA ARG A 38 6.08 -3.44 2.37
C ARG A 38 5.63 -4.86 2.02
N ALA A 39 6.45 -5.59 1.29
CA ALA A 39 6.14 -6.95 0.90
C ALA A 39 7.24 -7.92 1.33
N THR A 40 6.88 -9.18 1.50
CA THR A 40 7.83 -10.20 1.92
C THR A 40 8.34 -11.01 0.72
N VAL A 41 9.09 -12.06 1.00
CA VAL A 41 9.64 -12.91 -0.05
C VAL A 41 8.52 -13.53 -0.88
N SER A 42 7.31 -13.57 -0.31
CA SER A 42 6.16 -14.13 -1.01
C SER A 42 5.45 -13.08 -1.84
N CYS A 43 5.98 -11.86 -1.82
CA CYS A 43 5.40 -10.76 -2.57
C CYS A 43 4.00 -10.43 -2.07
N GLY A 44 3.81 -10.53 -0.76
CA GLY A 44 2.52 -10.23 -0.18
C GLY A 44 2.45 -8.84 0.41
N LEU A 45 1.45 -8.07 0.00
CA LEU A 45 1.27 -6.71 0.49
C LEU A 45 1.07 -6.70 2.00
N SER A 46 1.51 -5.62 2.64
CA SER A 46 1.38 -5.49 4.08
C SER A 46 1.64 -4.05 4.53
N LEU A 47 1.04 -3.66 5.64
CA LEU A 47 1.20 -2.31 6.18
C LEU A 47 2.09 -2.32 7.41
N ASN A 48 2.98 -1.33 7.50
CA ASN A 48 3.89 -1.22 8.64
C ASN A 48 3.12 -1.06 9.93
N PRO A 49 3.69 -1.56 11.04
CA PRO A 49 3.08 -1.48 12.36
C PRO A 49 3.05 -0.05 12.91
N SER A 50 4.11 0.70 12.62
CA SER A 50 4.21 2.08 13.07
C SER A 50 3.04 2.91 12.57
N GLN A 51 2.40 2.44 11.50
CA GLN A 51 1.26 3.15 10.93
C GLN A 51 -0.02 2.34 11.09
N SER A 52 -1.15 2.97 10.80
CA SER A 52 -2.45 2.32 10.94
C SER A 52 -3.43 2.86 9.90
N PHE A 53 -4.25 1.97 9.35
CA PHE A 53 -5.24 2.35 8.35
C PHE A 53 -6.28 3.29 8.95
N ILE A 54 -6.50 4.42 8.28
CA ILE A 54 -7.48 5.39 8.76
C ILE A 54 -8.28 5.98 7.59
N ASN A 55 -9.28 6.79 7.92
CA ASN A 55 -10.12 7.41 6.90
C ASN A 55 -10.82 6.36 6.05
N GLY A 56 -10.89 5.13 6.57
CA GLY A 56 -11.53 4.06 5.84
C GLY A 56 -10.65 3.48 4.76
N GLU A 57 -9.48 4.09 4.55
CA GLU A 57 -8.55 3.63 3.53
C GLU A 57 -8.29 2.14 3.66
N SER A 58 -7.71 1.54 2.63
CA SER A 58 -7.41 0.11 2.62
C SER A 58 -6.31 -0.21 1.62
N LEU A 59 -5.81 -1.43 1.67
CA LEU A 59 -4.76 -1.86 0.76
C LEU A 59 -5.27 -2.95 -0.19
N ALA A 60 -4.70 -2.98 -1.40
CA ALA A 60 -5.10 -3.96 -2.40
C ALA A 60 -3.95 -4.24 -3.38
N SER A 61 -4.03 -5.38 -4.05
CA SER A 61 -3.01 -5.76 -5.02
C SER A 61 -2.97 -4.78 -6.19
N GLY A 62 -1.87 -4.82 -6.95
CA GLY A 62 -1.73 -3.94 -8.08
C GLY A 62 -1.07 -4.62 -9.27
N GLY A 63 -1.09 -5.95 -9.27
CA GLY A 63 -0.49 -6.70 -10.36
C GLY A 63 1.00 -6.92 -10.15
N ARG A 64 1.78 -6.77 -11.22
CA ARG A 64 3.22 -6.96 -11.15
C ARG A 64 3.96 -5.64 -11.34
N CYS A 65 5.20 -5.58 -10.88
CA CYS A 65 6.01 -4.37 -11.00
C CYS A 65 7.33 -4.67 -11.70
N ASN A 1 9.80 -7.85 -7.08
CA ASN A 1 9.01 -6.77 -6.50
C ASN A 1 7.52 -6.98 -6.79
N CYS A 2 6.68 -6.26 -6.06
CA CYS A 2 5.23 -6.37 -6.23
C CYS A 2 4.59 -4.99 -6.29
N THR A 3 3.32 -4.94 -6.66
CA THR A 3 2.59 -3.69 -6.77
C THR A 3 1.54 -3.56 -5.67
N ALA A 4 1.49 -2.41 -5.03
CA ALA A 4 0.53 -2.17 -3.97
C ALA A 4 -0.56 -1.18 -4.40
N ASN A 5 -1.78 -1.41 -3.95
CA ASN A 5 -2.90 -0.56 -4.30
C ASN A 5 -3.66 -0.10 -3.06
N ILE A 6 -3.82 1.21 -2.92
CA ILE A 6 -4.53 1.78 -1.77
C ILE A 6 -5.89 2.31 -2.18
N LEU A 7 -6.91 1.93 -1.42
CA LEU A 7 -8.28 2.37 -1.70
C LEU A 7 -8.82 3.20 -0.54
N ASN A 8 -9.96 3.86 -0.77
CA ASN A 8 -10.60 4.68 0.25
C ASN A 8 -11.70 3.91 0.96
N ILE A 9 -12.45 4.61 1.81
CA ILE A 9 -13.55 3.99 2.55
C ILE A 9 -14.58 3.38 1.60
N ASN A 10 -14.55 3.82 0.35
CA ASN A 10 -15.49 3.33 -0.67
C ASN A 10 -14.87 2.19 -1.45
N GLU A 11 -13.75 1.66 -0.95
CA GLU A 11 -13.06 0.56 -1.62
C GLU A 11 -12.62 0.95 -3.02
N VAL A 12 -12.41 2.25 -3.23
CA VAL A 12 -11.99 2.76 -4.53
C VAL A 12 -10.50 3.08 -4.53
N VAL A 13 -9.78 2.49 -5.47
CA VAL A 13 -8.33 2.71 -5.59
C VAL A 13 -8.03 4.19 -5.79
N ILE A 14 -7.30 4.77 -4.86
CA ILE A 14 -6.93 6.17 -4.94
C ILE A 14 -5.42 6.35 -5.09
N ALA A 15 -4.67 5.33 -4.68
CA ALA A 15 -3.22 5.36 -4.78
C ALA A 15 -2.67 4.00 -5.20
N THR A 16 -1.51 4.01 -5.86
CA THR A 16 -0.88 2.78 -6.31
C THR A 16 0.64 2.90 -6.28
N GLY A 17 1.29 1.96 -5.60
CA GLY A 17 2.74 1.98 -5.51
C GLY A 17 3.36 0.64 -5.83
N CYS A 18 4.58 0.42 -5.39
CA CYS A 18 5.30 -0.83 -5.64
C CYS A 18 6.18 -1.20 -4.44
N VAL A 19 5.94 -2.39 -3.89
CA VAL A 19 6.72 -2.87 -2.75
C VAL A 19 7.78 -3.87 -3.19
N PRO A 20 9.05 -3.58 -2.84
CA PRO A 20 10.18 -4.44 -3.18
C PRO A 20 10.16 -5.76 -2.41
N ALA A 21 10.42 -6.85 -3.12
CA ALA A 21 10.44 -8.17 -2.49
C ALA A 21 11.40 -8.20 -1.31
N GLY A 22 10.89 -8.63 -0.15
CA GLY A 22 11.72 -8.71 1.04
C GLY A 22 11.99 -7.34 1.64
N GLY A 23 11.38 -6.31 1.05
CA GLY A 23 11.58 -4.96 1.55
C GLY A 23 10.28 -4.21 1.76
N ASN A 24 10.31 -2.90 1.58
CA ASN A 24 9.12 -2.08 1.75
C ASN A 24 9.28 -0.74 1.03
N LEU A 25 8.16 -0.08 0.76
CA LEU A 25 8.17 1.21 0.07
C LEU A 25 7.03 2.09 0.55
N ILE A 26 7.26 3.40 0.54
CA ILE A 26 6.25 4.36 0.97
C ILE A 26 5.33 4.76 -0.17
N ILE A 27 4.03 4.69 0.07
CA ILE A 27 3.04 5.05 -0.95
C ILE A 27 2.25 6.28 -0.53
N ARG A 28 2.45 7.37 -1.26
CA ARG A 28 1.76 8.63 -0.98
C ARG A 28 0.39 8.66 -1.65
N VAL A 29 -0.66 8.60 -0.84
CA VAL A 29 -2.03 8.61 -1.36
C VAL A 29 -2.48 10.04 -1.66
N GLY A 30 -2.42 10.42 -2.93
CA GLY A 30 -2.83 11.76 -3.33
C GLY A 30 -2.17 12.84 -2.48
N SER A 31 -2.93 13.90 -2.21
CA SER A 31 -2.42 15.01 -1.40
C SER A 31 -2.97 14.95 0.02
N ASP A 32 -3.40 13.76 0.43
CA ASP A 32 -3.95 13.57 1.76
C ASP A 32 -2.86 13.12 2.74
N HIS A 33 -2.33 11.92 2.53
CA HIS A 33 -1.28 11.38 3.39
C HIS A 33 -0.51 10.28 2.68
N SER A 34 0.35 9.60 3.42
CA SER A 34 1.16 8.52 2.86
C SER A 34 1.15 7.30 3.79
N TYR A 35 1.09 6.11 3.19
CA TYR A 35 1.08 4.88 3.96
C TYR A 35 2.20 3.95 3.51
N LEU A 36 2.94 3.41 4.48
CA LEU A 36 4.05 2.50 4.19
C LEU A 36 3.54 1.09 3.96
N ILE A 37 4.05 0.44 2.91
CA ILE A 37 3.65 -0.92 2.58
C ILE A 37 4.86 -1.84 2.49
N ARG A 38 4.82 -2.94 3.22
CA ARG A 38 5.91 -3.90 3.23
C ARG A 38 5.57 -5.11 2.35
N ALA A 39 6.59 -5.92 2.04
CA ALA A 39 6.40 -7.10 1.22
C ALA A 39 7.40 -8.19 1.58
N THR A 40 6.94 -9.43 1.63
CA THR A 40 7.79 -10.56 1.97
C THR A 40 8.61 -11.01 0.77
N VAL A 41 9.49 -11.98 0.99
CA VAL A 41 10.34 -12.50 -0.08
C VAL A 41 9.50 -13.04 -1.24
N SER A 42 8.24 -13.34 -0.95
CA SER A 42 7.34 -13.87 -1.96
C SER A 42 6.16 -12.92 -2.18
N CYS A 43 6.43 -11.62 -2.07
CA CYS A 43 5.39 -10.61 -2.25
C CYS A 43 4.26 -10.80 -1.25
N GLY A 44 4.26 -9.96 -0.22
CA GLY A 44 3.22 -10.05 0.80
C GLY A 44 2.81 -8.69 1.33
N LEU A 45 1.75 -8.13 0.75
CA LEU A 45 1.25 -6.82 1.17
C LEU A 45 1.11 -6.75 2.68
N SER A 46 1.46 -5.60 3.25
CA SER A 46 1.37 -5.40 4.70
C SER A 46 1.51 -3.92 5.05
N LEU A 47 1.01 -3.55 6.23
CA LEU A 47 1.08 -2.17 6.68
C LEU A 47 1.95 -2.05 7.93
N ASN A 48 2.78 -1.01 7.97
CA ASN A 48 3.66 -0.78 9.10
C ASN A 48 2.87 -0.60 10.39
N PRO A 49 3.45 -1.03 11.51
CA PRO A 49 2.81 -0.92 12.83
C PRO A 49 2.73 0.52 13.31
N SER A 50 3.77 1.30 13.03
CA SER A 50 3.81 2.70 13.45
C SER A 50 2.65 3.48 12.84
N GLN A 51 2.08 2.94 11.76
CA GLN A 51 0.96 3.58 11.09
C GLN A 51 -0.29 2.72 11.16
N SER A 52 -1.45 3.30 10.85
CA SER A 52 -2.71 2.58 10.88
C SER A 52 -3.68 3.14 9.84
N PHE A 53 -4.42 2.25 9.20
CA PHE A 53 -5.38 2.65 8.18
C PHE A 53 -6.42 3.60 8.76
N ILE A 54 -6.62 4.74 8.09
CA ILE A 54 -7.58 5.74 8.54
C ILE A 54 -8.44 6.22 7.38
N ASN A 55 -9.48 7.00 7.70
CA ASN A 55 -10.37 7.53 6.69
C ASN A 55 -11.06 6.40 5.92
N GLY A 56 -11.06 5.21 6.51
CA GLY A 56 -11.70 4.07 5.86
C GLY A 56 -10.81 3.45 4.80
N GLU A 57 -9.63 4.03 4.60
CA GLU A 57 -8.69 3.53 3.60
C GLU A 57 -8.48 2.03 3.76
N SER A 58 -7.84 1.41 2.76
CA SER A 58 -7.58 -0.02 2.79
C SER A 58 -6.45 -0.38 1.84
N LEU A 59 -5.97 -1.61 1.93
CA LEU A 59 -4.88 -2.09 1.08
C LEU A 59 -5.37 -3.18 0.14
N ALA A 60 -4.73 -3.27 -1.03
CA ALA A 60 -5.10 -4.28 -2.02
C ALA A 60 -3.90 -4.63 -2.91
N SER A 61 -3.99 -5.78 -3.56
CA SER A 61 -2.91 -6.23 -4.44
C SER A 61 -3.13 -5.73 -5.87
N GLY A 62 -2.04 -5.31 -6.51
CA GLY A 62 -2.13 -4.81 -7.87
C GLY A 62 -1.68 -5.83 -8.89
N GLY A 63 -0.65 -5.47 -9.66
CA GLY A 63 -0.15 -6.37 -10.68
C GLY A 63 1.34 -6.61 -10.55
N ARG A 64 2.12 -6.03 -11.47
CA ARG A 64 3.57 -6.18 -11.44
C ARG A 64 4.26 -4.89 -11.88
N CYS A 65 5.55 -4.78 -11.59
CA CYS A 65 6.32 -3.61 -11.95
C CYS A 65 7.82 -3.88 -11.82
N ASN A 1 9.52 -7.87 -7.81
CA ASN A 1 8.86 -6.90 -6.94
C ASN A 1 7.35 -6.93 -7.14
N CYS A 2 6.62 -6.37 -6.18
CA CYS A 2 5.16 -6.34 -6.25
C CYS A 2 4.65 -4.91 -6.30
N THR A 3 3.35 -4.74 -6.50
CA THR A 3 2.74 -3.43 -6.58
C THR A 3 1.73 -3.22 -5.45
N ALA A 4 1.74 -2.04 -4.86
CA ALA A 4 0.83 -1.72 -3.76
C ALA A 4 -0.23 -0.72 -4.22
N ASN A 5 -1.50 -1.02 -3.91
CA ASN A 5 -2.60 -0.16 -4.29
C ASN A 5 -3.41 0.27 -3.05
N ILE A 6 -3.52 1.58 -2.85
CA ILE A 6 -4.25 2.11 -1.71
C ILE A 6 -5.64 2.61 -2.14
N LEU A 7 -6.66 2.19 -1.40
CA LEU A 7 -8.03 2.60 -1.70
C LEU A 7 -8.65 3.34 -0.52
N ASN A 8 -9.82 3.93 -0.75
CA ASN A 8 -10.52 4.67 0.31
C ASN A 8 -11.60 3.82 0.94
N ILE A 9 -12.41 4.44 1.78
CA ILE A 9 -13.50 3.73 2.47
C ILE A 9 -14.46 3.10 1.45
N ASN A 10 -14.47 3.64 0.24
CA ASN A 10 -15.33 3.14 -0.81
C ASN A 10 -14.62 2.07 -1.64
N GLU A 11 -13.46 1.62 -1.15
CA GLU A 11 -12.68 0.60 -1.84
C GLU A 11 -12.25 1.09 -3.22
N VAL A 12 -12.12 2.41 -3.36
CA VAL A 12 -11.70 3.01 -4.62
C VAL A 12 -10.22 3.33 -4.61
N VAL A 13 -9.49 2.79 -5.58
CA VAL A 13 -8.05 3.03 -5.69
C VAL A 13 -7.75 4.52 -5.83
N ILE A 14 -7.02 5.07 -4.86
CA ILE A 14 -6.66 6.48 -4.88
C ILE A 14 -5.16 6.66 -5.00
N ALA A 15 -4.41 5.64 -4.58
CA ALA A 15 -2.96 5.69 -4.66
C ALA A 15 -2.39 4.35 -5.09
N THR A 16 -1.21 4.39 -5.72
CA THR A 16 -0.56 3.18 -6.19
C THR A 16 0.96 3.33 -6.20
N GLY A 17 1.65 2.43 -5.52
CA GLY A 17 3.10 2.48 -5.48
C GLY A 17 3.75 1.16 -5.80
N CYS A 18 5.06 1.07 -5.59
CA CYS A 18 5.80 -0.15 -5.86
C CYS A 18 6.43 -0.71 -4.59
N VAL A 19 6.13 -1.97 -4.29
CA VAL A 19 6.66 -2.62 -3.10
C VAL A 19 7.48 -3.85 -3.46
N PRO A 20 8.80 -3.76 -3.25
CA PRO A 20 9.72 -4.87 -3.55
C PRO A 20 9.55 -6.05 -2.61
N ALA A 21 9.62 -7.25 -3.15
CA ALA A 21 9.48 -8.46 -2.35
C ALA A 21 10.46 -8.49 -1.20
N GLY A 22 9.95 -8.64 0.02
CA GLY A 22 10.81 -8.67 1.19
C GLY A 22 11.25 -7.29 1.62
N GLY A 23 10.82 -6.27 0.89
CA GLY A 23 11.18 -4.90 1.22
C GLY A 23 9.98 -4.05 1.59
N ASN A 24 10.21 -2.77 1.80
CA ASN A 24 9.14 -1.84 2.17
C ASN A 24 9.29 -0.52 1.44
N LEU A 25 8.16 0.11 1.14
CA LEU A 25 8.15 1.39 0.44
C LEU A 25 7.02 2.29 0.94
N ILE A 26 7.25 3.59 0.90
CA ILE A 26 6.25 4.56 1.34
C ILE A 26 5.41 5.04 0.17
N ILE A 27 4.09 4.90 0.29
CA ILE A 27 3.18 5.34 -0.75
C ILE A 27 2.37 6.55 -0.31
N ARG A 28 2.51 7.64 -1.05
CA ARG A 28 1.79 8.88 -0.73
C ARG A 28 0.46 8.94 -1.47
N VAL A 29 -0.61 9.18 -0.72
CA VAL A 29 -1.95 9.27 -1.31
C VAL A 29 -2.39 10.71 -1.47
N GLY A 30 -1.83 11.59 -0.64
CA GLY A 30 -2.17 13.00 -0.70
C GLY A 30 -3.28 13.37 0.27
N SER A 31 -4.50 13.49 -0.24
CA SER A 31 -5.64 13.84 0.59
C SER A 31 -5.79 12.86 1.76
N ASP A 32 -5.35 11.63 1.54
CA ASP A 32 -5.43 10.60 2.57
C ASP A 32 -4.07 10.37 3.22
N HIS A 33 -3.21 11.38 3.16
CA HIS A 33 -1.88 11.29 3.74
C HIS A 33 -1.06 10.20 3.05
N SER A 34 0.06 9.82 3.67
CA SER A 34 0.94 8.81 3.12
C SER A 34 0.94 7.55 3.98
N TYR A 35 0.98 6.40 3.35
CA TYR A 35 0.97 5.12 4.07
C TYR A 35 2.16 4.26 3.64
N LEU A 36 2.86 3.71 4.62
CA LEU A 36 4.02 2.85 4.35
C LEU A 36 3.59 1.42 4.10
N ILE A 37 3.76 0.96 2.86
CA ILE A 37 3.39 -0.40 2.48
C ILE A 37 4.63 -1.25 2.22
N ARG A 38 4.60 -2.49 2.68
CA ARG A 38 5.71 -3.41 2.49
C ARG A 38 5.21 -4.80 2.11
N ALA A 39 6.09 -5.58 1.49
CA ALA A 39 5.74 -6.94 1.07
C ALA A 39 6.79 -7.95 1.54
N THR A 40 6.35 -9.17 1.81
CA THR A 40 7.25 -10.22 2.26
C THR A 40 8.00 -10.84 1.09
N VAL A 41 8.92 -11.76 1.40
CA VAL A 41 9.70 -12.43 0.37
C VAL A 41 8.80 -13.15 -0.62
N SER A 42 7.60 -13.49 -0.19
CA SER A 42 6.64 -14.19 -1.04
C SER A 42 5.59 -13.22 -1.58
N CYS A 43 5.88 -11.93 -1.48
CA CYS A 43 4.97 -10.90 -1.97
C CYS A 43 3.64 -10.96 -1.23
N GLY A 44 3.45 -10.05 -0.28
CA GLY A 44 2.22 -10.02 0.49
C GLY A 44 1.92 -8.64 1.04
N LEU A 45 0.78 -8.08 0.64
CA LEU A 45 0.38 -6.76 1.08
C LEU A 45 0.40 -6.67 2.61
N SER A 46 1.16 -5.71 3.13
CA SER A 46 1.28 -5.51 4.56
C SER A 46 1.50 -4.05 4.90
N LEU A 47 1.01 -3.63 6.07
CA LEU A 47 1.16 -2.25 6.52
C LEU A 47 2.11 -2.15 7.70
N ASN A 48 2.96 -1.13 7.69
CA ASN A 48 3.92 -0.92 8.76
C ASN A 48 3.21 -0.73 10.10
N PRO A 49 3.87 -1.16 11.19
CA PRO A 49 3.31 -1.04 12.55
C PRO A 49 3.25 0.40 13.03
N SER A 50 4.24 1.19 12.63
CA SER A 50 4.30 2.60 13.03
C SER A 50 3.09 3.37 12.50
N GLN A 51 2.41 2.78 11.52
CA GLN A 51 1.23 3.40 10.94
C GLN A 51 0.01 2.50 11.07
N SER A 52 -1.17 3.06 10.82
CA SER A 52 -2.41 2.31 10.93
C SER A 52 -3.45 2.84 9.94
N PHE A 53 -4.22 1.93 9.37
CA PHE A 53 -5.26 2.30 8.41
C PHE A 53 -6.27 3.26 9.04
N ILE A 54 -6.56 4.34 8.33
CA ILE A 54 -7.51 5.34 8.81
C ILE A 54 -8.29 5.96 7.66
N ASN A 55 -9.31 6.74 8.00
CA ASN A 55 -10.14 7.39 7.00
C ASN A 55 -10.84 6.36 6.11
N GLY A 56 -10.91 5.12 6.61
CA GLY A 56 -11.55 4.06 5.86
C GLY A 56 -10.65 3.48 4.78
N GLU A 57 -9.45 4.05 4.66
CA GLU A 57 -8.50 3.59 3.64
C GLU A 57 -8.33 2.08 3.71
N SER A 58 -7.69 1.52 2.69
CA SER A 58 -7.46 0.08 2.62
C SER A 58 -6.27 -0.25 1.73
N LEU A 59 -5.82 -1.49 1.77
CA LEU A 59 -4.69 -1.93 0.96
C LEU A 59 -5.14 -2.97 -0.07
N ALA A 60 -4.43 -3.00 -1.21
CA ALA A 60 -4.75 -3.94 -2.28
C ALA A 60 -3.52 -4.25 -3.11
N SER A 61 -3.50 -5.43 -3.72
CA SER A 61 -2.38 -5.85 -4.54
C SER A 61 -2.61 -5.49 -6.00
N GLY A 62 -1.53 -5.16 -6.70
CA GLY A 62 -1.64 -4.79 -8.10
C GLY A 62 -0.99 -5.81 -9.02
N GLY A 63 0.03 -5.37 -9.75
CA GLY A 63 0.72 -6.27 -10.67
C GLY A 63 2.22 -6.27 -10.47
N ARG A 64 2.95 -6.67 -11.50
CA ARG A 64 4.42 -6.70 -11.43
C ARG A 64 4.98 -5.30 -11.26
N CYS A 65 6.31 -5.21 -11.18
CA CYS A 65 6.98 -3.93 -11.00
C CYS A 65 8.49 -4.07 -11.23
N ASN A 1 8.65 -6.67 -9.34
CA ASN A 1 8.44 -6.16 -7.99
C ASN A 1 6.98 -6.31 -7.58
N CYS A 2 6.66 -5.83 -6.39
CA CYS A 2 5.29 -5.90 -5.87
C CYS A 2 4.55 -4.59 -6.09
N THR A 3 3.25 -4.67 -6.32
CA THR A 3 2.43 -3.50 -6.55
C THR A 3 1.39 -3.33 -5.44
N ALA A 4 1.41 -2.17 -4.79
CA ALA A 4 0.47 -1.88 -3.72
C ALA A 4 -0.56 -0.84 -4.14
N ASN A 5 -1.83 -1.15 -3.91
CA ASN A 5 -2.91 -0.24 -4.27
C ASN A 5 -3.72 0.18 -3.05
N ILE A 6 -3.76 1.47 -2.77
CA ILE A 6 -4.49 1.99 -1.62
C ILE A 6 -5.84 2.56 -2.05
N LEU A 7 -6.91 2.12 -1.38
CA LEU A 7 -8.25 2.58 -1.70
C LEU A 7 -8.88 3.29 -0.49
N ASN A 8 -9.96 4.02 -0.74
CA ASN A 8 -10.64 4.74 0.33
C ASN A 8 -11.77 3.89 0.92
N ILE A 9 -12.57 4.50 1.80
CA ILE A 9 -13.67 3.80 2.44
C ILE A 9 -14.65 3.27 1.40
N ASN A 10 -14.59 3.83 0.19
CA ASN A 10 -15.48 3.41 -0.89
C ASN A 10 -14.82 2.33 -1.75
N GLU A 11 -13.72 1.78 -1.25
CA GLU A 11 -12.99 0.74 -1.97
C GLU A 11 -12.51 1.26 -3.32
N VAL A 12 -12.31 2.57 -3.41
CA VAL A 12 -11.84 3.19 -4.65
C VAL A 12 -10.35 3.50 -4.58
N VAL A 13 -9.59 2.98 -5.54
CA VAL A 13 -8.16 3.22 -5.59
C VAL A 13 -7.84 4.70 -5.66
N ILE A 14 -7.14 5.20 -4.64
CA ILE A 14 -6.77 6.61 -4.60
C ILE A 14 -5.25 6.78 -4.67
N ALA A 15 -4.53 5.73 -4.31
CA ALA A 15 -3.07 5.76 -4.34
C ALA A 15 -2.49 4.43 -4.81
N THR A 16 -1.33 4.48 -5.44
CA THR A 16 -0.68 3.27 -5.94
C THR A 16 0.83 3.42 -5.93
N GLY A 17 1.52 2.45 -5.32
CA GLY A 17 2.96 2.49 -5.25
C GLY A 17 3.60 1.16 -5.61
N CYS A 18 4.93 1.14 -5.66
CA CYS A 18 5.66 -0.08 -5.99
C CYS A 18 6.55 -0.51 -4.83
N VAL A 19 6.29 -1.71 -4.32
CA VAL A 19 7.06 -2.25 -3.21
C VAL A 19 8.08 -3.28 -3.69
N PRO A 20 9.37 -3.04 -3.37
CA PRO A 20 10.45 -3.93 -3.76
C PRO A 20 10.41 -5.26 -3.02
N ALA A 21 10.78 -6.33 -3.71
CA ALA A 21 10.79 -7.67 -3.12
C ALA A 21 11.71 -7.72 -1.89
N GLY A 22 11.16 -8.14 -0.76
CA GLY A 22 11.94 -8.22 0.46
C GLY A 22 12.19 -6.86 1.08
N GLY A 23 11.61 -5.84 0.50
CA GLY A 23 11.78 -4.48 1.01
C GLY A 23 10.46 -3.79 1.28
N ASN A 24 10.50 -2.47 1.37
CA ASN A 24 9.29 -1.69 1.64
C ASN A 24 9.44 -0.27 1.08
N LEU A 25 8.31 0.38 0.82
CA LEU A 25 8.30 1.73 0.30
C LEU A 25 7.12 2.53 0.84
N ILE A 26 7.30 3.84 0.98
CA ILE A 26 6.25 4.71 1.48
C ILE A 26 5.34 5.18 0.36
N ILE A 27 4.04 4.93 0.51
CA ILE A 27 3.06 5.33 -0.49
C ILE A 27 2.20 6.48 0.02
N ARG A 28 2.32 7.63 -0.63
CA ARG A 28 1.55 8.82 -0.25
C ARG A 28 0.21 8.85 -0.98
N VAL A 29 -0.87 8.98 -0.22
CA VAL A 29 -2.21 9.03 -0.79
C VAL A 29 -2.71 10.46 -0.90
N GLY A 30 -2.66 11.01 -2.10
CA GLY A 30 -3.11 12.38 -2.32
C GLY A 30 -2.49 13.35 -1.34
N SER A 31 -3.26 14.37 -0.96
CA SER A 31 -2.78 15.38 -0.02
C SER A 31 -3.39 15.17 1.36
N ASP A 32 -3.76 13.93 1.66
CA ASP A 32 -4.36 13.61 2.95
C ASP A 32 -3.31 13.06 3.92
N HIS A 33 -2.73 11.92 3.56
CA HIS A 33 -1.70 11.29 4.39
C HIS A 33 -0.87 10.30 3.58
N SER A 34 -0.07 9.51 4.28
CA SER A 34 0.77 8.52 3.62
C SER A 34 0.81 7.21 4.41
N TYR A 35 0.90 6.10 3.71
CA TYR A 35 0.94 4.79 4.34
C TYR A 35 2.12 3.97 3.82
N LEU A 36 2.88 3.39 4.75
CA LEU A 36 4.04 2.57 4.38
C LEU A 36 3.61 1.16 4.00
N ILE A 37 4.13 0.69 2.87
CA ILE A 37 3.79 -0.65 2.38
C ILE A 37 5.06 -1.48 2.16
N ARG A 38 5.04 -2.72 2.63
CA ARG A 38 6.18 -3.61 2.48
C ARG A 38 5.75 -4.94 1.87
N ALA A 39 6.68 -5.58 1.16
CA ALA A 39 6.40 -6.86 0.52
C ALA A 39 7.44 -7.92 0.91
N THR A 40 7.00 -9.16 1.02
CA THR A 40 7.89 -10.26 1.39
C THR A 40 8.51 -10.88 0.16
N VAL A 41 9.28 -11.95 0.37
CA VAL A 41 9.94 -12.65 -0.72
C VAL A 41 8.93 -13.20 -1.72
N SER A 42 7.68 -13.32 -1.28
CA SER A 42 6.62 -13.83 -2.13
C SER A 42 5.67 -12.71 -2.55
N CYS A 43 6.15 -11.48 -2.50
CA CYS A 43 5.35 -10.32 -2.86
C CYS A 43 4.02 -10.32 -2.13
N GLY A 44 4.00 -9.73 -0.94
CA GLY A 44 2.79 -9.68 -0.15
C GLY A 44 2.58 -8.33 0.52
N LEU A 45 1.56 -7.60 0.07
CA LEU A 45 1.27 -6.28 0.64
C LEU A 45 1.14 -6.36 2.16
N SER A 46 1.57 -5.29 2.83
CA SER A 46 1.50 -5.23 4.28
C SER A 46 1.72 -3.80 4.78
N LEU A 47 0.99 -3.43 5.83
CA LEU A 47 1.10 -2.09 6.40
C LEU A 47 1.94 -2.11 7.68
N ASN A 48 2.80 -1.12 7.82
CA ASN A 48 3.66 -1.01 9.00
C ASN A 48 2.83 -0.87 10.27
N PRO A 49 3.38 -1.38 11.39
CA PRO A 49 2.70 -1.32 12.68
C PRO A 49 2.64 0.09 13.24
N SER A 50 3.66 0.89 12.95
CA SER A 50 3.72 2.27 13.42
C SER A 50 2.57 3.09 12.86
N GLN A 51 1.95 2.58 11.79
CA GLN A 51 0.83 3.27 11.15
C GLN A 51 -0.44 2.44 11.24
N SER A 52 -1.57 3.06 10.93
CA SER A 52 -2.86 2.38 10.98
C SER A 52 -3.82 2.96 9.95
N PHE A 53 -4.59 2.08 9.31
CA PHE A 53 -5.55 2.49 8.30
C PHE A 53 -6.63 3.38 8.90
N ILE A 54 -6.93 4.49 8.24
CA ILE A 54 -7.94 5.43 8.72
C ILE A 54 -8.80 5.93 7.56
N ASN A 55 -9.87 6.65 7.90
CA ASN A 55 -10.77 7.20 6.89
C ASN A 55 -11.40 6.09 6.06
N GLY A 56 -11.37 4.86 6.60
CA GLY A 56 -11.94 3.73 5.89
C GLY A 56 -11.01 3.19 4.82
N GLU A 57 -9.84 3.81 4.69
CA GLU A 57 -8.86 3.38 3.71
C GLU A 57 -8.61 1.88 3.80
N SER A 58 -7.89 1.34 2.81
CA SER A 58 -7.58 -0.08 2.78
C SER A 58 -6.48 -0.38 1.77
N LEU A 59 -5.97 -1.61 1.80
CA LEU A 59 -4.92 -2.01 0.88
C LEU A 59 -5.41 -3.10 -0.07
N ALA A 60 -4.84 -3.13 -1.27
CA ALA A 60 -5.22 -4.12 -2.26
C ALA A 60 -4.08 -4.38 -3.24
N SER A 61 -4.02 -5.62 -3.74
CA SER A 61 -2.97 -6.00 -4.69
C SER A 61 -3.12 -5.23 -6.00
N GLY A 62 -2.06 -5.25 -6.81
CA GLY A 62 -2.09 -4.55 -8.08
C GLY A 62 -1.52 -5.39 -9.21
N GLY A 63 -0.45 -6.12 -8.92
CA GLY A 63 0.17 -6.96 -9.93
C GLY A 63 1.68 -6.87 -9.91
N ARG A 64 2.31 -7.03 -11.07
CA ARG A 64 3.76 -6.98 -11.17
C ARG A 64 4.24 -5.54 -11.27
N CYS A 65 5.54 -5.33 -11.08
CA CYS A 65 6.13 -4.00 -11.15
C CYS A 65 7.59 -4.07 -11.57
N ASN A 1 9.14 -7.85 -8.03
CA ASN A 1 8.52 -6.88 -7.13
C ASN A 1 7.00 -6.94 -7.24
N CYS A 2 6.32 -6.36 -6.25
CA CYS A 2 4.86 -6.35 -6.23
C CYS A 2 4.34 -4.92 -6.23
N THR A 3 3.04 -4.77 -6.48
CA THR A 3 2.41 -3.46 -6.51
C THR A 3 1.36 -3.31 -5.42
N ALA A 4 1.36 -2.17 -4.74
CA ALA A 4 0.41 -1.91 -3.68
C ALA A 4 -0.60 -0.85 -4.09
N ASN A 5 -1.89 -1.13 -3.88
CA ASN A 5 -2.95 -0.20 -4.23
C ASN A 5 -3.72 0.24 -2.98
N ILE A 6 -3.74 1.54 -2.73
CA ILE A 6 -4.45 2.09 -1.58
C ILE A 6 -5.83 2.59 -1.97
N LEU A 7 -6.84 2.16 -1.21
CA LEU A 7 -8.22 2.56 -1.48
C LEU A 7 -8.90 3.03 -0.20
N ASN A 8 -10.04 3.71 -0.36
CA ASN A 8 -10.79 4.21 0.80
C ASN A 8 -11.85 3.21 1.22
N ILE A 9 -12.72 3.63 2.13
CA ILE A 9 -13.78 2.76 2.63
C ILE A 9 -14.70 2.31 1.49
N ASN A 10 -14.68 3.06 0.40
CA ASN A 10 -15.49 2.74 -0.76
C ASN A 10 -14.77 1.80 -1.72
N GLU A 11 -13.61 1.31 -1.28
CA GLU A 11 -12.80 0.41 -2.09
C GLU A 11 -12.41 1.07 -3.41
N VAL A 12 -12.21 2.38 -3.37
CA VAL A 12 -11.83 3.13 -4.57
C VAL A 12 -10.33 3.43 -4.58
N VAL A 13 -9.65 3.00 -5.63
CA VAL A 13 -8.22 3.23 -5.77
C VAL A 13 -7.89 4.72 -5.73
N ILE A 14 -7.12 5.12 -4.72
CA ILE A 14 -6.73 6.51 -4.58
C ILE A 14 -5.22 6.68 -4.72
N ALA A 15 -4.48 5.63 -4.39
CA ALA A 15 -3.02 5.66 -4.48
C ALA A 15 -2.48 4.31 -4.95
N THR A 16 -1.33 4.34 -5.61
CA THR A 16 -0.69 3.12 -6.11
C THR A 16 0.82 3.26 -6.14
N GLY A 17 1.50 2.33 -5.49
CA GLY A 17 2.95 2.35 -5.45
C GLY A 17 3.57 1.02 -5.77
N CYS A 18 4.90 0.96 -5.80
CA CYS A 18 5.62 -0.27 -6.09
C CYS A 18 6.38 -0.77 -4.86
N VAL A 19 6.04 -1.96 -4.40
CA VAL A 19 6.69 -2.56 -3.24
C VAL A 19 7.61 -3.69 -3.65
N PRO A 20 8.90 -3.56 -3.34
CA PRO A 20 9.91 -4.57 -3.66
C PRO A 20 9.75 -5.83 -2.83
N ALA A 21 10.28 -6.94 -3.34
CA ALA A 21 10.20 -8.22 -2.64
C ALA A 21 11.11 -8.24 -1.42
N GLY A 22 10.53 -8.57 -0.27
CA GLY A 22 11.30 -8.62 0.97
C GLY A 22 11.69 -7.24 1.45
N GLY A 23 11.16 -6.21 0.82
CA GLY A 23 11.48 -4.84 1.19
C GLY A 23 10.25 -4.03 1.55
N ASN A 24 10.45 -2.75 1.83
CA ASN A 24 9.34 -1.87 2.18
C ASN A 24 9.43 -0.56 1.41
N LEU A 25 8.27 0.05 1.14
CA LEU A 25 8.22 1.31 0.42
C LEU A 25 7.09 2.19 0.94
N ILE A 26 7.29 3.50 0.87
CA ILE A 26 6.29 4.46 1.34
C ILE A 26 5.43 4.96 0.18
N ILE A 27 4.12 4.78 0.30
CA ILE A 27 3.19 5.22 -0.73
C ILE A 27 2.40 6.44 -0.27
N ARG A 28 2.57 7.55 -0.98
CA ARG A 28 1.87 8.78 -0.64
C ARG A 28 0.53 8.86 -1.37
N VAL A 29 -0.53 9.10 -0.61
CA VAL A 29 -1.87 9.20 -1.19
C VAL A 29 -2.31 10.65 -1.31
N GLY A 30 -2.17 11.20 -2.52
CA GLY A 30 -2.55 12.58 -2.75
C GLY A 30 -1.94 13.54 -1.74
N SER A 31 -2.60 14.67 -1.52
CA SER A 31 -2.12 15.66 -0.57
C SER A 31 -2.81 15.51 0.78
N ASP A 32 -3.25 14.29 1.07
CA ASP A 32 -3.93 14.01 2.34
C ASP A 32 -2.95 13.40 3.35
N HIS A 33 -2.42 12.22 3.02
CA HIS A 33 -1.49 11.54 3.89
C HIS A 33 -0.66 10.52 3.13
N SER A 34 0.06 9.67 3.85
CA SER A 34 0.89 8.64 3.23
C SER A 34 0.87 7.36 4.05
N TYR A 35 0.96 6.22 3.36
CA TYR A 35 0.96 4.92 4.03
C TYR A 35 2.17 4.09 3.61
N LEU A 36 2.87 3.56 4.60
CA LEU A 36 4.06 2.74 4.33
C LEU A 36 3.66 1.29 4.07
N ILE A 37 3.84 0.84 2.83
CA ILE A 37 3.51 -0.53 2.45
C ILE A 37 4.78 -1.33 2.14
N ARG A 38 4.81 -2.57 2.65
CA ARG A 38 5.96 -3.44 2.42
C ARG A 38 5.51 -4.83 2.00
N ALA A 39 6.39 -5.54 1.29
CA ALA A 39 6.08 -6.88 0.82
C ALA A 39 7.13 -7.89 1.29
N THR A 40 6.69 -9.12 1.53
CA THR A 40 7.59 -10.17 1.98
C THR A 40 8.37 -10.77 0.82
N VAL A 41 9.28 -11.68 1.14
CA VAL A 41 10.09 -12.33 0.12
C VAL A 41 9.23 -13.11 -0.87
N SER A 42 8.00 -13.40 -0.47
CA SER A 42 7.06 -14.13 -1.31
C SER A 42 6.03 -13.19 -1.93
N CYS A 43 6.31 -11.89 -1.85
CA CYS A 43 5.42 -10.88 -2.41
C CYS A 43 4.06 -10.91 -1.70
N GLY A 44 3.92 -10.07 -0.68
CA GLY A 44 2.68 -10.01 0.07
C GLY A 44 2.44 -8.64 0.68
N LEU A 45 1.43 -7.94 0.16
CA LEU A 45 1.10 -6.61 0.66
C LEU A 45 0.93 -6.62 2.17
N SER A 46 1.37 -5.55 2.82
CA SER A 46 1.27 -5.44 4.27
C SER A 46 1.51 -4.00 4.73
N LEU A 47 0.78 -3.58 5.74
CA LEU A 47 0.91 -2.23 6.27
C LEU A 47 1.84 -2.20 7.47
N ASN A 48 2.71 -1.18 7.52
CA ASN A 48 3.65 -1.04 8.62
C ASN A 48 2.92 -0.91 9.95
N PRO A 49 3.57 -1.38 11.03
CA PRO A 49 3.01 -1.32 12.38
C PRO A 49 2.95 0.10 12.92
N SER A 50 3.98 0.88 12.62
CA SER A 50 4.06 2.27 13.08
C SER A 50 2.88 3.08 12.55
N GLN A 51 2.24 2.57 11.51
CA GLN A 51 1.10 3.25 10.90
C GLN A 51 -0.14 2.36 10.92
N SER A 52 -1.30 2.97 10.71
CA SER A 52 -2.56 2.22 10.72
C SER A 52 -3.57 2.88 9.77
N PHE A 53 -4.37 2.05 9.11
CA PHE A 53 -5.39 2.54 8.18
C PHE A 53 -6.36 3.47 8.89
N ILE A 54 -6.72 4.57 8.22
CA ILE A 54 -7.66 5.54 8.78
C ILE A 54 -8.70 5.96 7.76
N ASN A 55 -9.77 6.58 8.24
CA ASN A 55 -10.84 7.04 7.36
C ASN A 55 -11.47 5.86 6.61
N GLY A 56 -11.28 4.66 7.14
CA GLY A 56 -11.82 3.48 6.50
C GLY A 56 -10.99 2.99 5.34
N GLU A 57 -9.78 3.55 5.21
CA GLU A 57 -8.88 3.17 4.13
C GLU A 57 -8.66 1.66 4.10
N SER A 58 -7.91 1.20 3.11
CA SER A 58 -7.64 -0.22 2.96
C SER A 58 -6.55 -0.47 1.92
N LEU A 59 -6.02 -1.69 1.89
CA LEU A 59 -4.97 -2.05 0.94
C LEU A 59 -5.47 -3.09 -0.06
N ALA A 60 -4.91 -3.08 -1.25
CA ALA A 60 -5.29 -4.03 -2.29
C ALA A 60 -4.14 -4.28 -3.26
N SER A 61 -4.19 -5.42 -3.94
CA SER A 61 -3.15 -5.79 -4.90
C SER A 61 -3.33 -5.03 -6.21
N GLY A 62 -2.21 -4.79 -6.91
CA GLY A 62 -2.27 -4.08 -8.17
C GLY A 62 -2.07 -4.99 -9.36
N GLY A 63 -0.99 -4.75 -10.11
CA GLY A 63 -0.70 -5.56 -11.28
C GLY A 63 0.77 -5.62 -11.59
N ARG A 64 1.60 -5.63 -10.56
CA ARG A 64 3.05 -5.67 -10.74
C ARG A 64 3.54 -4.44 -11.48
N CYS A 65 4.85 -4.21 -11.43
CA CYS A 65 5.45 -3.07 -12.10
C CYS A 65 6.93 -3.32 -12.39
N ASN A 1 9.23 -6.41 -9.28
CA ASN A 1 8.82 -5.92 -7.97
C ASN A 1 7.32 -6.14 -7.76
N CYS A 2 6.83 -5.74 -6.59
CA CYS A 2 5.42 -5.89 -6.25
C CYS A 2 4.68 -4.56 -6.43
N THR A 3 3.37 -4.64 -6.61
CA THR A 3 2.54 -3.44 -6.79
C THR A 3 1.54 -3.29 -5.64
N ALA A 4 1.53 -2.11 -5.03
CA ALA A 4 0.62 -1.83 -3.93
C ALA A 4 -0.44 -0.82 -4.34
N ASN A 5 -1.70 -1.14 -4.05
CA ASN A 5 -2.81 -0.26 -4.39
C ASN A 5 -3.60 0.13 -3.15
N ILE A 6 -3.71 1.44 -2.92
CA ILE A 6 -4.45 1.94 -1.76
C ILE A 6 -5.83 2.46 -2.16
N LEU A 7 -6.84 2.04 -1.43
CA LEU A 7 -8.22 2.45 -1.70
C LEU A 7 -8.81 3.17 -0.50
N ASN A 8 -9.98 3.77 -0.71
CA ASN A 8 -10.66 4.50 0.37
C ASN A 8 -11.75 3.64 0.99
N ILE A 9 -12.55 4.24 1.87
CA ILE A 9 -13.63 3.53 2.55
C ILE A 9 -14.62 2.95 1.53
N ASN A 10 -14.59 3.49 0.32
CA ASN A 10 -15.48 3.03 -0.74
C ASN A 10 -14.80 1.96 -1.60
N GLU A 11 -13.67 1.46 -1.12
CA GLU A 11 -12.93 0.43 -1.84
C GLU A 11 -12.50 0.95 -3.22
N VAL A 12 -12.33 2.27 -3.33
CA VAL A 12 -11.92 2.88 -4.58
C VAL A 12 -10.44 3.24 -4.56
N VAL A 13 -9.71 2.73 -5.55
CA VAL A 13 -8.27 3.00 -5.65
C VAL A 13 -7.99 4.49 -5.73
N ILE A 14 -7.27 5.00 -4.74
CA ILE A 14 -6.93 6.42 -4.71
C ILE A 14 -5.43 6.63 -4.85
N ALA A 15 -4.65 5.61 -4.50
CA ALA A 15 -3.20 5.68 -4.59
C ALA A 15 -2.61 4.35 -5.05
N THR A 16 -1.45 4.42 -5.69
CA THR A 16 -0.79 3.22 -6.18
C THR A 16 0.73 3.38 -6.16
N GLY A 17 1.41 2.43 -5.50
CA GLY A 17 2.85 2.49 -5.42
C GLY A 17 3.51 1.17 -5.79
N CYS A 18 4.82 1.09 -5.61
CA CYS A 18 5.57 -0.11 -5.93
C CYS A 18 6.41 -0.58 -4.75
N VAL A 19 6.19 -1.81 -4.32
CA VAL A 19 6.92 -2.37 -3.20
C VAL A 19 7.91 -3.43 -3.66
N PRO A 20 9.19 -3.23 -3.31
CA PRO A 20 10.27 -4.15 -3.69
C PRO A 20 10.18 -5.48 -2.94
N ALA A 21 10.43 -6.57 -3.66
CA ALA A 21 10.37 -7.91 -3.07
C ALA A 21 11.29 -8.01 -1.86
N GLY A 22 10.73 -8.41 -0.72
CA GLY A 22 11.52 -8.53 0.48
C GLY A 22 11.80 -7.20 1.14
N GLY A 23 11.26 -6.13 0.55
CA GLY A 23 11.47 -4.80 1.10
C GLY A 23 10.16 -4.07 1.37
N ASN A 24 10.22 -2.75 1.34
CA ASN A 24 9.03 -1.94 1.59
C ASN A 24 9.20 -0.54 1.01
N LEU A 25 8.08 0.11 0.72
CA LEU A 25 8.10 1.47 0.17
C LEU A 25 6.93 2.29 0.69
N ILE A 26 7.13 3.60 0.77
CA ILE A 26 6.09 4.51 1.25
C ILE A 26 5.18 4.95 0.10
N ILE A 27 3.87 4.80 0.30
CA ILE A 27 2.89 5.19 -0.70
C ILE A 27 2.06 6.37 -0.24
N ARG A 28 2.24 7.51 -0.90
CA ARG A 28 1.51 8.73 -0.55
C ARG A 28 0.17 8.78 -1.28
N VAL A 29 -0.90 8.96 -0.52
CA VAL A 29 -2.24 9.03 -1.08
C VAL A 29 -2.72 10.48 -1.19
N GLY A 30 -2.76 10.99 -2.41
CA GLY A 30 -3.19 12.36 -2.63
C GLY A 30 -2.47 13.35 -1.74
N SER A 31 -3.14 14.46 -1.43
CA SER A 31 -2.55 15.48 -0.58
C SER A 31 -3.06 15.37 0.85
N ASP A 32 -3.48 14.17 1.22
CA ASP A 32 -4.00 13.93 2.56
C ASP A 32 -2.90 13.40 3.48
N HIS A 33 -2.39 12.21 3.18
CA HIS A 33 -1.33 11.62 3.99
C HIS A 33 -0.62 10.51 3.21
N SER A 34 0.21 9.74 3.90
CA SER A 34 0.95 8.66 3.28
C SER A 34 0.93 7.40 4.15
N TYR A 35 0.89 6.24 3.51
CA TYR A 35 0.87 4.97 4.22
C TYR A 35 2.05 4.09 3.83
N LEU A 36 2.70 3.50 4.82
CA LEU A 36 3.85 2.63 4.58
C LEU A 36 3.40 1.24 4.16
N ILE A 37 3.96 0.75 3.05
CA ILE A 37 3.62 -0.57 2.55
C ILE A 37 4.86 -1.44 2.37
N ARG A 38 4.74 -2.72 2.68
CA ARG A 38 5.86 -3.65 2.56
C ARG A 38 5.39 -4.96 1.93
N ALA A 39 6.33 -5.67 1.30
CA ALA A 39 6.03 -6.95 0.66
C ALA A 39 7.08 -7.99 1.01
N THR A 40 6.61 -9.22 1.27
CA THR A 40 7.51 -10.31 1.62
C THR A 40 8.10 -10.96 0.38
N VAL A 41 8.81 -12.07 0.57
CA VAL A 41 9.42 -12.78 -0.54
C VAL A 41 8.37 -13.29 -1.52
N SER A 42 7.13 -13.40 -1.04
CA SER A 42 6.03 -13.88 -1.87
C SER A 42 5.15 -12.71 -2.31
N CYS A 43 5.71 -11.51 -2.27
CA CYS A 43 4.97 -10.31 -2.68
C CYS A 43 3.63 -10.23 -1.95
N GLY A 44 3.68 -9.98 -0.65
CA GLY A 44 2.47 -9.88 0.13
C GLY A 44 2.29 -8.52 0.78
N LEU A 45 1.30 -7.76 0.32
CA LEU A 45 1.03 -6.44 0.85
C LEU A 45 0.92 -6.47 2.37
N SER A 46 1.38 -5.40 3.02
CA SER A 46 1.33 -5.32 4.47
C SER A 46 1.56 -3.88 4.94
N LEU A 47 0.85 -3.48 5.99
CA LEU A 47 0.97 -2.14 6.54
C LEU A 47 1.90 -2.12 7.75
N ASN A 48 2.75 -1.10 7.82
CA ASN A 48 3.69 -0.96 8.94
C ASN A 48 2.94 -0.85 10.26
N PRO A 49 3.58 -1.34 11.34
CA PRO A 49 3.00 -1.30 12.68
C PRO A 49 2.92 0.12 13.24
N SER A 50 3.93 0.93 12.93
CA SER A 50 3.98 2.31 13.41
C SER A 50 2.78 3.10 12.89
N GLN A 51 2.14 2.59 11.84
CA GLN A 51 0.99 3.25 11.24
C GLN A 51 -0.23 2.34 11.27
N SER A 52 -1.40 2.92 11.01
CA SER A 52 -2.65 2.15 11.01
C SER A 52 -3.65 2.76 10.02
N PHE A 53 -4.40 1.88 9.36
CA PHE A 53 -5.40 2.32 8.39
C PHE A 53 -6.43 3.25 9.03
N ILE A 54 -6.64 4.40 8.41
CA ILE A 54 -7.59 5.39 8.92
C ILE A 54 -8.43 5.96 7.80
N ASN A 55 -9.45 6.74 8.17
CA ASN A 55 -10.34 7.36 7.19
C ASN A 55 -11.05 6.30 6.36
N GLY A 56 -11.08 5.07 6.86
CA GLY A 56 -11.72 3.99 6.14
C GLY A 56 -10.85 3.42 5.04
N GLU A 57 -9.67 4.01 4.86
CA GLU A 57 -8.74 3.55 3.83
C GLU A 57 -8.52 2.04 3.91
N SER A 58 -7.90 1.48 2.89
CA SER A 58 -7.64 0.05 2.84
C SER A 58 -6.51 -0.26 1.85
N LEU A 59 -6.03 -1.51 1.89
CA LEU A 59 -4.96 -1.93 1.00
C LEU A 59 -5.46 -2.99 0.02
N ALA A 60 -4.84 -3.04 -1.16
CA ALA A 60 -5.21 -4.00 -2.18
C ALA A 60 -4.03 -4.32 -3.10
N SER A 61 -3.90 -5.60 -3.46
CA SER A 61 -2.81 -6.04 -4.32
C SER A 61 -3.03 -5.56 -5.75
N GLY A 62 -1.92 -5.26 -6.44
CA GLY A 62 -2.01 -4.80 -7.82
C GLY A 62 -1.48 -5.81 -8.80
N GLY A 63 -0.31 -6.38 -8.50
CA GLY A 63 0.29 -7.36 -9.39
C GLY A 63 1.77 -7.09 -9.62
N ARG A 64 2.23 -7.33 -10.85
CA ARG A 64 3.62 -7.13 -11.19
C ARG A 64 3.92 -5.64 -11.37
N CYS A 65 5.16 -5.25 -11.08
CA CYS A 65 5.58 -3.86 -11.20
C CYS A 65 6.58 -3.69 -12.33
N ASN A 1 9.66 -7.25 -7.79
CA ASN A 1 8.90 -6.14 -7.23
C ASN A 1 7.41 -6.30 -7.54
N CYS A 2 6.57 -5.85 -6.61
CA CYS A 2 5.13 -5.93 -6.79
C CYS A 2 4.49 -4.55 -6.73
N THR A 3 3.20 -4.48 -7.06
CA THR A 3 2.48 -3.22 -7.05
C THR A 3 1.55 -3.12 -5.85
N ALA A 4 1.48 -1.94 -5.24
CA ALA A 4 0.62 -1.72 -4.07
C ALA A 4 -0.57 -0.85 -4.44
N ASN A 5 -1.72 -1.16 -3.87
CA ASN A 5 -2.94 -0.40 -4.13
C ASN A 5 -3.59 0.04 -2.82
N ILE A 6 -3.99 1.32 -2.77
CA ILE A 6 -4.63 1.86 -1.58
C ILE A 6 -6.02 2.40 -1.90
N LEU A 7 -7.02 1.93 -1.16
CA LEU A 7 -8.39 2.36 -1.36
C LEU A 7 -8.93 3.05 -0.10
N ASN A 8 -10.09 3.70 -0.25
CA ASN A 8 -10.71 4.39 0.87
C ASN A 8 -11.87 3.57 1.44
N ILE A 9 -12.65 4.19 2.32
CA ILE A 9 -13.79 3.52 2.93
C ILE A 9 -14.78 3.05 1.88
N ASN A 10 -14.68 3.62 0.68
CA ASN A 10 -15.57 3.26 -0.42
C ASN A 10 -14.98 2.13 -1.25
N GLU A 11 -13.88 1.56 -0.76
CA GLU A 11 -13.22 0.46 -1.45
C GLU A 11 -12.86 0.86 -2.89
N VAL A 12 -12.36 2.07 -3.05
CA VAL A 12 -11.97 2.58 -4.36
C VAL A 12 -10.50 2.95 -4.40
N VAL A 13 -9.76 2.38 -5.35
CA VAL A 13 -8.34 2.66 -5.48
C VAL A 13 -8.09 4.16 -5.68
N ILE A 14 -7.39 4.75 -4.73
CA ILE A 14 -7.08 6.17 -4.79
C ILE A 14 -5.58 6.41 -4.94
N ALA A 15 -4.79 5.46 -4.46
CA ALA A 15 -3.34 5.56 -4.53
C ALA A 15 -2.72 4.22 -4.94
N THR A 16 -1.59 4.28 -5.62
CA THR A 16 -0.89 3.08 -6.06
C THR A 16 0.62 3.30 -6.13
N GLY A 17 1.37 2.35 -5.58
CA GLY A 17 2.82 2.46 -5.57
C GLY A 17 3.50 1.17 -5.99
N CYS A 18 4.77 1.03 -5.63
CA CYS A 18 5.54 -0.16 -5.96
C CYS A 18 6.27 -0.70 -4.73
N VAL A 19 5.95 -1.93 -4.34
CA VAL A 19 6.58 -2.55 -3.18
C VAL A 19 7.48 -3.71 -3.61
N PRO A 20 8.79 -3.56 -3.37
CA PRO A 20 9.78 -4.57 -3.72
C PRO A 20 9.67 -5.82 -2.85
N ALA A 21 9.87 -6.98 -3.46
CA ALA A 21 9.79 -8.25 -2.74
C ALA A 21 10.73 -8.26 -1.54
N GLY A 22 10.18 -8.52 -0.36
CA GLY A 22 10.98 -8.55 0.85
C GLY A 22 11.33 -7.16 1.35
N GLY A 23 10.84 -6.14 0.65
CA GLY A 23 11.12 -4.77 1.04
C GLY A 23 9.85 -3.99 1.35
N ASN A 24 9.95 -2.67 1.28
CA ASN A 24 8.81 -1.80 1.56
C ASN A 24 8.99 -0.43 0.92
N LEU A 25 7.89 0.26 0.69
CA LEU A 25 7.92 1.59 0.09
C LEU A 25 6.75 2.43 0.55
N ILE A 26 6.96 3.75 0.61
CA ILE A 26 5.90 4.67 1.03
C ILE A 26 5.05 5.12 -0.15
N ILE A 27 3.73 5.04 0.02
CA ILE A 27 2.81 5.44 -1.03
C ILE A 27 2.02 6.69 -0.62
N ARG A 28 2.28 7.79 -1.32
CA ARG A 28 1.59 9.05 -1.03
C ARG A 28 0.18 9.03 -1.62
N VAL A 29 -0.81 9.01 -0.73
CA VAL A 29 -2.22 9.00 -1.15
C VAL A 29 -2.85 10.38 -0.99
N GLY A 30 -3.78 10.70 -1.88
CA GLY A 30 -4.46 11.98 -1.81
C GLY A 30 -3.50 13.14 -2.05
N SER A 31 -2.31 12.84 -2.54
CA SER A 31 -1.31 13.86 -2.80
C SER A 31 -0.95 14.61 -1.53
N ASP A 32 -1.26 14.01 -0.40
CA ASP A 32 -0.97 14.63 0.90
C ASP A 32 -0.39 13.61 1.87
N HIS A 33 -1.26 12.74 2.38
CA HIS A 33 -0.84 11.70 3.32
C HIS A 33 -0.08 10.59 2.61
N SER A 34 0.49 9.67 3.39
CA SER A 34 1.25 8.56 2.83
C SER A 34 1.23 7.36 3.77
N TYR A 35 1.10 6.17 3.20
CA TYR A 35 1.06 4.94 3.99
C TYR A 35 2.20 4.00 3.60
N LEU A 36 2.84 3.41 4.60
CA LEU A 36 3.94 2.48 4.36
C LEU A 36 3.42 1.11 3.95
N ILE A 37 3.94 0.60 2.84
CA ILE A 37 3.53 -0.72 2.34
C ILE A 37 4.74 -1.62 2.12
N ARG A 38 4.68 -2.83 2.70
CA ARG A 38 5.77 -3.78 2.56
C ARG A 38 5.26 -5.12 2.06
N ALA A 39 6.14 -5.90 1.44
CA ALA A 39 5.77 -7.20 0.91
C ALA A 39 6.81 -8.26 1.29
N THR A 40 6.34 -9.48 1.55
CA THR A 40 7.23 -10.57 1.92
C THR A 40 7.89 -11.19 0.69
N VAL A 41 8.70 -12.23 0.91
CA VAL A 41 9.39 -12.90 -0.17
C VAL A 41 8.40 -13.43 -1.21
N SER A 42 7.18 -13.72 -0.76
CA SER A 42 6.15 -14.23 -1.66
C SER A 42 5.19 -13.12 -2.08
N CYS A 43 5.67 -11.88 -1.98
CA CYS A 43 4.86 -10.72 -2.35
C CYS A 43 3.51 -10.76 -1.64
N GLY A 44 3.45 -10.18 -0.44
CA GLY A 44 2.22 -10.15 0.32
C GLY A 44 1.92 -8.79 0.90
N LEU A 45 0.79 -8.21 0.50
CA LEU A 45 0.40 -6.89 0.99
C LEU A 45 0.43 -6.84 2.51
N SER A 46 1.14 -5.85 3.05
CA SER A 46 1.25 -5.69 4.50
C SER A 46 1.47 -4.23 4.87
N LEU A 47 0.92 -3.83 6.01
CA LEU A 47 1.06 -2.45 6.48
C LEU A 47 2.02 -2.37 7.66
N ASN A 48 2.86 -1.35 7.67
CA ASN A 48 3.82 -1.16 8.74
C ASN A 48 3.13 -1.01 10.08
N PRO A 49 3.79 -1.46 11.16
CA PRO A 49 3.25 -1.38 12.52
C PRO A 49 3.19 0.05 13.04
N SER A 50 4.22 0.84 12.72
CA SER A 50 4.28 2.23 13.16
C SER A 50 3.08 3.01 12.65
N GLN A 51 2.44 2.49 11.60
CA GLN A 51 1.28 3.15 11.02
C GLN A 51 0.06 2.23 11.06
N SER A 52 -1.12 2.80 10.84
CA SER A 52 -2.36 2.04 10.86
C SER A 52 -3.38 2.65 9.91
N PHE A 53 -4.19 1.80 9.28
CA PHE A 53 -5.21 2.25 8.35
C PHE A 53 -6.19 3.20 9.04
N ILE A 54 -6.64 4.22 8.31
CA ILE A 54 -7.58 5.20 8.85
C ILE A 54 -8.54 5.67 7.77
N ASN A 55 -9.59 6.36 8.20
CA ASN A 55 -10.59 6.89 7.28
C ASN A 55 -11.25 5.76 6.50
N GLY A 56 -11.14 4.54 7.01
CA GLY A 56 -11.72 3.39 6.34
C GLY A 56 -10.87 2.89 5.20
N GLU A 57 -9.69 3.46 5.05
CA GLU A 57 -8.78 3.07 3.98
C GLU A 57 -8.54 1.56 3.99
N SER A 58 -7.85 1.06 2.97
CA SER A 58 -7.56 -0.36 2.87
C SER A 58 -6.41 -0.61 1.91
N LEU A 59 -5.88 -1.83 1.93
CA LEU A 59 -4.76 -2.20 1.06
C LEU A 59 -5.20 -3.24 0.04
N ALA A 60 -4.53 -3.23 -1.11
CA ALA A 60 -4.85 -4.18 -2.19
C ALA A 60 -3.63 -4.43 -3.07
N SER A 61 -3.61 -5.59 -3.72
CA SER A 61 -2.51 -5.96 -4.59
C SER A 61 -2.77 -5.50 -6.02
N GLY A 62 -1.70 -5.14 -6.73
CA GLY A 62 -1.84 -4.69 -8.10
C GLY A 62 -1.25 -5.67 -9.09
N GLY A 63 -0.03 -6.11 -8.83
CA GLY A 63 0.64 -7.06 -9.72
C GLY A 63 2.11 -6.76 -9.89
N ARG A 64 2.58 -6.80 -11.13
CA ARG A 64 3.99 -6.54 -11.42
C ARG A 64 4.18 -5.10 -11.91
N CYS A 65 5.09 -4.39 -11.26
CA CYS A 65 5.38 -3.01 -11.62
C CYS A 65 6.04 -2.92 -13.00
N ASN A 1 9.63 -7.60 -7.89
CA ASN A 1 8.92 -6.59 -7.11
C ASN A 1 7.41 -6.71 -7.30
N CYS A 2 6.64 -6.14 -6.37
CA CYS A 2 5.18 -6.18 -6.45
C CYS A 2 4.60 -4.78 -6.41
N THR A 3 3.29 -4.69 -6.64
CA THR A 3 2.61 -3.39 -6.64
C THR A 3 1.57 -3.32 -5.52
N ALA A 4 1.48 -2.16 -4.88
CA ALA A 4 0.54 -1.97 -3.80
C ALA A 4 -0.52 -0.92 -4.17
N ASN A 5 -1.79 -1.26 -3.96
CA ASN A 5 -2.89 -0.37 -4.27
C ASN A 5 -3.60 0.09 -3.00
N ILE A 6 -3.65 1.40 -2.79
CA ILE A 6 -4.30 1.96 -1.61
C ILE A 6 -5.69 2.49 -1.96
N LEU A 7 -6.70 2.07 -1.20
CA LEU A 7 -8.06 2.51 -1.42
C LEU A 7 -8.63 3.17 -0.18
N ASN A 8 -9.78 3.84 -0.33
CA ASN A 8 -10.42 4.51 0.79
C ASN A 8 -11.60 3.68 1.31
N ILE A 9 -12.43 4.30 2.15
CA ILE A 9 -13.58 3.62 2.73
C ILE A 9 -14.50 3.09 1.62
N ASN A 10 -14.42 3.70 0.44
CA ASN A 10 -15.25 3.28 -0.69
C ASN A 10 -14.56 2.17 -1.47
N GLU A 11 -13.47 1.65 -0.92
CA GLU A 11 -12.73 0.57 -1.58
C GLU A 11 -12.33 0.98 -2.99
N VAL A 12 -12.07 2.27 -3.19
CA VAL A 12 -11.67 2.78 -4.50
C VAL A 12 -10.19 3.13 -4.52
N VAL A 13 -9.48 2.57 -5.50
CA VAL A 13 -8.05 2.82 -5.65
C VAL A 13 -7.75 4.30 -5.77
N ILE A 14 -7.03 4.85 -4.81
CA ILE A 14 -6.68 6.27 -4.83
C ILE A 14 -5.18 6.47 -4.96
N ALA A 15 -4.41 5.47 -4.52
CA ALA A 15 -2.96 5.54 -4.60
C ALA A 15 -2.38 4.19 -5.03
N THR A 16 -1.22 4.23 -5.68
CA THR A 16 -0.56 3.02 -6.14
C THR A 16 0.96 3.20 -6.18
N GLY A 17 1.66 2.30 -5.51
CA GLY A 17 3.12 2.37 -5.48
C GLY A 17 3.77 1.04 -5.79
N CYS A 18 5.10 1.02 -5.76
CA CYS A 18 5.85 -0.20 -6.05
C CYS A 18 6.56 -0.71 -4.79
N VAL A 19 6.20 -1.92 -4.38
CA VAL A 19 6.79 -2.52 -3.19
C VAL A 19 7.72 -3.67 -3.57
N PRO A 20 9.01 -3.52 -3.25
CA PRO A 20 10.03 -4.54 -3.55
C PRO A 20 9.86 -5.79 -2.69
N ALA A 21 10.38 -6.91 -3.18
CA ALA A 21 10.29 -8.18 -2.47
C ALA A 21 11.18 -8.16 -1.23
N GLY A 22 10.59 -8.49 -0.08
CA GLY A 22 11.33 -8.50 1.17
C GLY A 22 11.71 -7.11 1.63
N GLY A 23 11.18 -6.09 0.96
CA GLY A 23 11.48 -4.72 1.32
C GLY A 23 10.23 -3.92 1.65
N ASN A 24 10.40 -2.63 1.91
CA ASN A 24 9.29 -1.76 2.24
C ASN A 24 9.39 -0.44 1.49
N LEU A 25 8.23 0.16 1.21
CA LEU A 25 8.19 1.43 0.49
C LEU A 25 7.03 2.29 0.98
N ILE A 26 7.21 3.61 0.92
CA ILE A 26 6.17 4.54 1.35
C ILE A 26 5.35 5.04 0.17
N ILE A 27 4.04 4.87 0.27
CA ILE A 27 3.13 5.29 -0.79
C ILE A 27 2.32 6.52 -0.35
N ARG A 28 2.48 7.61 -1.09
CA ARG A 28 1.75 8.84 -0.79
C ARG A 28 0.43 8.90 -1.53
N VAL A 29 -0.66 9.13 -0.79
CA VAL A 29 -1.98 9.21 -1.38
C VAL A 29 -2.46 10.65 -1.49
N GLY A 30 -1.76 11.43 -2.31
CA GLY A 30 -2.13 12.82 -2.50
C GLY A 30 -2.23 13.58 -1.19
N SER A 31 -3.36 14.26 -0.98
CA SER A 31 -3.58 15.02 0.24
C SER A 31 -4.15 14.13 1.34
N ASP A 32 -4.25 12.84 1.05
CA ASP A 32 -4.78 11.88 2.03
C ASP A 32 -3.65 11.24 2.81
N HIS A 33 -2.63 12.02 3.13
CA HIS A 33 -1.49 11.52 3.89
C HIS A 33 -0.74 10.45 3.09
N SER A 34 0.18 9.77 3.77
CA SER A 34 0.97 8.72 3.13
C SER A 34 0.96 7.44 3.95
N TYR A 35 0.92 6.30 3.27
CA TYR A 35 0.91 5.01 3.95
C TYR A 35 2.12 4.19 3.57
N LEU A 36 2.78 3.61 4.56
CA LEU A 36 3.97 2.79 4.34
C LEU A 36 3.58 1.34 4.06
N ILE A 37 3.79 0.90 2.83
CA ILE A 37 3.47 -0.46 2.44
C ILE A 37 4.73 -1.27 2.15
N ARG A 38 4.77 -2.50 2.65
CA ARG A 38 5.92 -3.37 2.44
C ARG A 38 5.48 -4.76 1.99
N ALA A 39 6.38 -5.48 1.35
CA ALA A 39 6.09 -6.83 0.87
C ALA A 39 7.12 -7.83 1.38
N THR A 40 6.68 -9.07 1.60
CA THR A 40 7.56 -10.12 2.09
C THR A 40 8.37 -10.72 0.96
N VAL A 41 9.30 -11.61 1.31
CA VAL A 41 10.15 -12.26 0.31
C VAL A 41 9.31 -13.02 -0.71
N SER A 42 8.08 -13.34 -0.34
CA SER A 42 7.18 -14.06 -1.23
C SER A 42 6.17 -13.11 -1.88
N CYS A 43 6.43 -11.81 -1.78
CA CYS A 43 5.56 -10.80 -2.35
C CYS A 43 4.18 -10.85 -1.69
N GLY A 44 4.03 -10.07 -0.62
CA GLY A 44 2.76 -10.03 0.09
C GLY A 44 2.48 -8.67 0.70
N LEU A 45 1.47 -7.98 0.19
CA LEU A 45 1.10 -6.67 0.69
C LEU A 45 0.96 -6.68 2.21
N SER A 46 1.37 -5.59 2.85
CA SER A 46 1.29 -5.48 4.30
C SER A 46 1.49 -4.04 4.75
N LEU A 47 0.77 -3.63 5.78
CA LEU A 47 0.87 -2.28 6.30
C LEU A 47 1.81 -2.22 7.50
N ASN A 48 2.64 -1.20 7.56
CA ASN A 48 3.59 -1.03 8.66
C ASN A 48 2.85 -0.88 9.99
N PRO A 49 3.49 -1.35 11.07
CA PRO A 49 2.92 -1.28 12.42
C PRO A 49 2.86 0.15 12.95
N SER A 50 3.89 0.94 12.63
CA SER A 50 3.95 2.32 13.08
C SER A 50 2.76 3.12 12.54
N GLN A 51 2.14 2.60 11.48
CA GLN A 51 1.00 3.28 10.88
C GLN A 51 -0.24 2.38 10.92
N SER A 52 -1.40 2.98 10.68
CA SER A 52 -2.66 2.24 10.70
C SER A 52 -3.67 2.87 9.74
N PHE A 53 -4.46 2.03 9.08
CA PHE A 53 -5.46 2.50 8.14
C PHE A 53 -6.46 3.42 8.83
N ILE A 54 -6.70 4.59 8.22
CA ILE A 54 -7.63 5.56 8.77
C ILE A 54 -8.66 5.99 7.73
N ASN A 55 -9.73 6.63 8.19
CA ASN A 55 -10.78 7.09 7.30
C ASN A 55 -11.42 5.92 6.57
N GLY A 56 -11.25 4.72 7.12
CA GLY A 56 -11.82 3.53 6.51
C GLY A 56 -10.99 3.03 5.34
N GLU A 57 -9.80 3.58 5.18
CA GLU A 57 -8.91 3.18 4.10
C GLU A 57 -8.66 1.69 4.12
N SER A 58 -7.94 1.19 3.12
CA SER A 58 -7.63 -0.24 3.03
C SER A 58 -6.55 -0.49 1.99
N LEU A 59 -6.03 -1.71 1.95
CA LEU A 59 -4.99 -2.09 1.00
C LEU A 59 -5.52 -3.14 0.02
N ALA A 60 -4.95 -3.13 -1.18
CA ALA A 60 -5.34 -4.08 -2.22
C ALA A 60 -4.20 -4.35 -3.19
N SER A 61 -4.28 -5.47 -3.89
CA SER A 61 -3.24 -5.84 -4.86
C SER A 61 -3.32 -4.96 -6.10
N GLY A 62 -2.18 -4.79 -6.76
CA GLY A 62 -2.13 -3.97 -7.96
C GLY A 62 -1.88 -4.78 -9.21
N GLY A 63 -0.78 -4.48 -9.90
CA GLY A 63 -0.43 -5.19 -11.11
C GLY A 63 1.04 -5.51 -11.20
N ARG A 64 1.79 -4.63 -11.86
CA ARG A 64 3.24 -4.83 -12.02
C ARG A 64 3.97 -3.49 -12.03
N CYS A 65 5.25 -3.52 -11.67
CA CYS A 65 6.06 -2.31 -11.64
C CYS A 65 7.55 -2.66 -11.59
N ASN A 1 9.36 -7.07 -8.48
CA ASN A 1 8.77 -6.03 -7.64
C ASN A 1 7.30 -6.32 -7.38
N CYS A 2 6.81 -5.83 -6.24
CA CYS A 2 5.41 -6.04 -5.86
C CYS A 2 4.58 -4.79 -6.13
N THR A 3 3.30 -4.98 -6.41
CA THR A 3 2.40 -3.87 -6.69
C THR A 3 1.46 -3.62 -5.51
N ALA A 4 1.52 -2.41 -4.96
CA ALA A 4 0.67 -2.04 -3.84
C ALA A 4 -0.40 -1.04 -4.26
N ASN A 5 -1.64 -1.32 -3.89
CA ASN A 5 -2.75 -0.44 -4.24
C ASN A 5 -3.45 0.07 -2.98
N ILE A 6 -3.62 1.38 -2.90
CA ILE A 6 -4.27 2.00 -1.75
C ILE A 6 -5.66 2.53 -2.12
N LEU A 7 -6.66 2.15 -1.35
CA LEU A 7 -8.03 2.58 -1.59
C LEU A 7 -8.61 3.28 -0.37
N ASN A 8 -9.76 3.91 -0.54
CA ASN A 8 -10.43 4.62 0.55
C ASN A 8 -11.56 3.78 1.13
N ILE A 9 -12.36 4.40 2.00
CA ILE A 9 -13.48 3.71 2.62
C ILE A 9 -14.46 3.20 1.58
N ASN A 10 -14.38 3.76 0.37
CA ASN A 10 -15.27 3.37 -0.71
C ASN A 10 -14.63 2.26 -1.55
N GLU A 11 -13.52 1.71 -1.06
CA GLU A 11 -12.82 0.65 -1.76
C GLU A 11 -12.42 1.09 -3.17
N VAL A 12 -12.06 2.36 -3.30
CA VAL A 12 -11.67 2.90 -4.60
C VAL A 12 -10.17 3.22 -4.63
N VAL A 13 -9.47 2.64 -5.59
CA VAL A 13 -8.03 2.85 -5.73
C VAL A 13 -7.72 4.33 -5.93
N ILE A 14 -6.98 4.90 -4.98
CA ILE A 14 -6.61 6.30 -5.04
C ILE A 14 -5.09 6.46 -5.18
N ALA A 15 -4.35 5.47 -4.70
CA ALA A 15 -2.90 5.51 -4.78
C ALA A 15 -2.34 4.14 -5.18
N THR A 16 -1.16 4.15 -5.81
CA THR A 16 -0.53 2.91 -6.25
C THR A 16 0.99 3.04 -6.22
N GLY A 17 1.64 2.09 -5.55
CA GLY A 17 3.10 2.11 -5.46
C GLY A 17 3.72 0.77 -5.77
N CYS A 18 5.03 0.67 -5.59
CA CYS A 18 5.75 -0.57 -5.87
C CYS A 18 6.64 -0.95 -4.68
N VAL A 19 6.37 -2.11 -4.09
CA VAL A 19 7.15 -2.59 -2.96
C VAL A 19 8.18 -3.63 -3.40
N PRO A 20 9.46 -3.35 -3.08
CA PRO A 20 10.56 -4.25 -3.44
C PRO A 20 10.54 -5.55 -2.64
N ALA A 21 10.81 -6.65 -3.32
CA ALA A 21 10.82 -7.96 -2.68
C ALA A 21 11.76 -7.98 -1.48
N GLY A 22 11.25 -8.36 -0.32
CA GLY A 22 12.07 -8.42 0.88
C GLY A 22 12.29 -7.05 1.48
N GLY A 23 11.71 -6.03 0.86
CA GLY A 23 11.87 -4.67 1.36
C GLY A 23 10.54 -3.99 1.63
N ASN A 24 10.55 -2.66 1.66
CA ASN A 24 9.33 -1.90 1.92
C ASN A 24 9.43 -0.51 1.30
N LEU A 25 8.28 0.08 0.98
CA LEU A 25 8.24 1.41 0.37
C LEU A 25 7.01 2.18 0.86
N ILE A 26 7.15 3.50 0.92
CA ILE A 26 6.05 4.36 1.36
C ILE A 26 5.27 4.90 0.17
N ILE A 27 3.97 4.64 0.15
CA ILE A 27 3.11 5.11 -0.92
C ILE A 27 2.42 6.42 -0.55
N ARG A 28 2.77 7.49 -1.25
CA ARG A 28 2.20 8.81 -0.99
C ARG A 28 0.86 8.96 -1.72
N VAL A 29 -0.23 8.98 -0.95
CA VAL A 29 -1.56 9.12 -1.52
C VAL A 29 -2.04 10.58 -1.45
N GLY A 30 -1.82 11.30 -2.53
CA GLY A 30 -2.23 12.70 -2.58
C GLY A 30 -3.69 12.89 -2.21
N SER A 31 -4.48 11.83 -2.37
CA SER A 31 -5.91 11.88 -2.06
C SER A 31 -6.13 12.27 -0.60
N ASP A 32 -5.14 12.00 0.24
CA ASP A 32 -5.23 12.33 1.65
C ASP A 32 -3.84 12.48 2.26
N HIS A 33 -3.18 11.36 2.53
CA HIS A 33 -1.85 11.37 3.12
C HIS A 33 -1.00 10.23 2.54
N SER A 34 0.09 9.92 3.24
CA SER A 34 0.99 8.86 2.80
C SER A 34 0.93 7.66 3.75
N TYR A 35 1.05 6.46 3.19
CA TYR A 35 1.01 5.24 3.99
C TYR A 35 2.26 4.41 3.77
N LEU A 36 2.59 3.58 4.76
CA LEU A 36 3.77 2.72 4.68
C LEU A 36 3.39 1.31 4.29
N ILE A 37 3.96 0.83 3.18
CA ILE A 37 3.68 -0.51 2.69
C ILE A 37 4.96 -1.32 2.55
N ARG A 38 4.89 -2.60 2.90
CA ARG A 38 6.05 -3.48 2.82
C ARG A 38 5.66 -4.83 2.21
N ALA A 39 6.65 -5.54 1.68
CA ALA A 39 6.41 -6.85 1.07
C ALA A 39 7.43 -7.87 1.55
N THR A 40 6.98 -9.11 1.71
CA THR A 40 7.86 -10.18 2.16
C THR A 40 8.70 -10.73 1.02
N VAL A 41 9.59 -11.66 1.33
CA VAL A 41 10.46 -12.27 0.33
C VAL A 41 9.64 -12.92 -0.78
N SER A 42 8.39 -13.26 -0.47
CA SER A 42 7.51 -13.90 -1.43
C SER A 42 6.50 -12.89 -1.99
N CYS A 43 6.77 -11.61 -1.76
CA CYS A 43 5.89 -10.55 -2.24
C CYS A 43 4.52 -10.65 -1.59
N GLY A 44 4.36 -9.94 -0.47
CA GLY A 44 3.09 -9.96 0.24
C GLY A 44 2.73 -8.60 0.81
N LEU A 45 1.68 -8.00 0.27
CA LEU A 45 1.23 -6.68 0.74
C LEU A 45 1.09 -6.66 2.25
N SER A 46 1.49 -5.54 2.86
CA SER A 46 1.41 -5.40 4.31
C SER A 46 1.60 -3.94 4.72
N LEU A 47 1.11 -3.61 5.91
CA LEU A 47 1.22 -2.24 6.41
C LEU A 47 2.11 -2.19 7.66
N ASN A 48 2.94 -1.15 7.75
CA ASN A 48 3.84 -0.99 8.88
C ASN A 48 3.06 -0.91 10.19
N PRO A 49 3.59 -1.57 11.22
CA PRO A 49 2.97 -1.59 12.55
C PRO A 49 3.03 -0.23 13.24
N SER A 50 3.94 0.61 12.79
CA SER A 50 4.11 1.95 13.36
C SER A 50 3.03 2.90 12.85
N GLN A 51 2.21 2.41 11.93
CA GLN A 51 1.13 3.22 11.35
C GLN A 51 -0.20 2.50 11.44
N SER A 52 -1.28 3.21 11.11
CA SER A 52 -2.62 2.64 11.16
C SER A 52 -3.52 3.28 10.11
N PHE A 53 -4.40 2.48 9.52
CA PHE A 53 -5.31 2.96 8.50
C PHE A 53 -6.26 4.00 9.09
N ILE A 54 -6.68 4.96 8.25
CA ILE A 54 -7.59 6.00 8.68
C ILE A 54 -8.54 6.40 7.56
N ASN A 55 -9.62 7.10 7.92
CA ASN A 55 -10.61 7.54 6.94
C ASN A 55 -11.24 6.35 6.24
N GLY A 56 -11.13 5.18 6.85
CA GLY A 56 -11.70 3.98 6.27
C GLY A 56 -10.85 3.41 5.16
N GLU A 57 -9.66 4.00 4.96
CA GLU A 57 -8.75 3.55 3.92
C GLU A 57 -8.51 2.04 4.02
N SER A 58 -7.83 1.49 3.02
CA SER A 58 -7.53 0.05 3.00
C SER A 58 -6.44 -0.25 1.97
N LEU A 59 -5.93 -1.48 2.02
CA LEU A 59 -4.89 -1.91 1.10
C LEU A 59 -5.41 -2.98 0.14
N ALA A 60 -4.84 -3.04 -1.05
CA ALA A 60 -5.24 -4.02 -2.04
C ALA A 60 -4.10 -4.33 -3.01
N SER A 61 -4.23 -5.41 -3.76
CA SER A 61 -3.20 -5.81 -4.72
C SER A 61 -3.52 -5.26 -6.10
N GLY A 62 -2.46 -5.03 -6.89
CA GLY A 62 -2.64 -4.48 -8.23
C GLY A 62 -2.24 -5.48 -9.30
N GLY A 63 -1.10 -6.13 -9.12
CA GLY A 63 -0.63 -7.10 -10.09
C GLY A 63 0.88 -7.20 -10.12
N ARG A 64 1.50 -6.48 -11.06
CA ARG A 64 2.95 -6.51 -11.20
C ARG A 64 3.50 -5.11 -11.49
N CYS A 65 4.81 -4.98 -11.54
CA CYS A 65 5.45 -3.70 -11.81
C CYS A 65 6.19 -3.73 -13.13
#